data_4LWW
#
_entry.id   4LWW
#
_cell.length_a   60.426
_cell.length_b   106.287
_cell.length_c   83.049
_cell.angle_alpha   90.00
_cell.angle_beta   96.45
_cell.angle_gamma   90.00
#
_symmetry.space_group_name_H-M   'P 1 21 1'
#
loop_
_entity.id
_entity.type
_entity.pdbx_description
1 polymer 'Nicotinamide phosphoribosyltransferase'
2 non-polymer N-(4-(phenylsulfonyl)benzyl)-1H-pyrrolo[3,2-c]pyridine-2-carboxamide
3 non-polymer 'PHOSPHATE ION'
4 non-polymer 1,2-ETHANEDIOL
5 water water
#
_entity_poly.entity_id   1
_entity_poly.type   'polypeptide(L)'
_entity_poly.pdbx_seq_one_letter_code
;MNPAAEAEFNILLATDSYKVTHYKQYPPNTSKVYSYFECREKKTENSKLRKVKYEETVFYGLQYILNKYLKGKVVTKEKI
QEAKDVYKEHFQDDVFNEKGWNYILEKYDGHLPIEIKAVPEGFVIPRGNVLFTVENTDPECYWLTNWIETILVQSWYPIT
VATNSREQKKILAKYLLETSGNLDGLEYKLHDFGYRGVSSQETAGIGASAHLVNFKGTDTVAGLALIKKYYGTKDPVPGY
SVPAAEHSTITAWGKDHEKDAFEHIVTQFSSVPVSVVSDSYDIYNACEKIWGEDLRHLIVSRSTQAPLIIRPDSGNPLDT
VLKVLEILGKKFPVTENSKGYKLLPPYLRVIQGDGVDINTLQEIVEGMKQKMWSIENIAFGSGGGLLQKLTRDLLNCSFK
CSYVVTNGLGINVFKDPVADPNKRSKKGRLSLHRTPAGNFVTLEEGKGDLEEYGQDLLHTVFKNGKVTKSYSFDEIRKNA
QLNIELEAAHHLEHHHHHHHH
;
_entity_poly.pdbx_strand_id   A,B
#
loop_
_chem_comp.id
_chem_comp.type
_chem_comp.name
_chem_comp.formula
EDO non-polymer 1,2-ETHANEDIOL 'C2 H6 O2'
LWW non-polymer N-(4-(phenylsulfonyl)benzyl)-1H-pyrrolo[3,2-c]pyridine-2-carboxamide 'C21 H17 N3 O3 S'
PO4 non-polymer 'PHOSPHATE ION' 'O4 P -3'
#
# COMPACT_ATOMS: atom_id res chain seq x y z
N GLU A 8 19.85 7.45 -4.17
CA GLU A 8 19.20 8.74 -4.05
C GLU A 8 18.00 8.83 -4.99
N PHE A 9 16.99 9.61 -4.59
CA PHE A 9 15.78 9.77 -5.39
C PHE A 9 16.05 10.62 -6.64
N ASN A 10 15.55 10.14 -7.78
CA ASN A 10 15.76 10.82 -9.06
C ASN A 10 14.40 11.03 -9.72
N ILE A 11 13.95 12.27 -9.76
CA ILE A 11 12.63 12.58 -10.34
C ILE A 11 12.52 12.14 -11.82
N LEU A 12 13.64 12.00 -12.51
CA LEU A 12 13.61 11.58 -13.91
C LEU A 12 13.27 10.09 -14.00
N LEU A 13 13.34 9.40 -12.88
CA LEU A 13 13.05 7.96 -12.82
C LEU A 13 11.80 7.70 -12.02
N ALA A 14 11.05 8.75 -11.72
CA ALA A 14 9.89 8.61 -10.84
C ALA A 14 8.59 8.89 -11.59
N THR A 15 8.50 8.38 -12.82
CA THR A 15 7.29 8.50 -13.61
C THR A 15 6.94 7.14 -14.23
N ASP A 16 5.71 6.99 -14.73
CA ASP A 16 5.36 5.82 -15.51
C ASP A 16 6.21 5.81 -16.76
N SER A 17 6.77 4.65 -17.11
CA SER A 17 7.65 4.55 -18.27
C SER A 17 7.12 5.27 -19.51
N TYR A 18 5.86 5.05 -19.87
CA TYR A 18 5.38 5.63 -21.13
C TYR A 18 5.44 7.15 -21.18
N LYS A 19 5.43 7.79 -20.03
CA LYS A 19 5.47 9.26 -20.01
C LYS A 19 6.80 9.81 -20.51
N VAL A 20 7.82 8.96 -20.50
CA VAL A 20 9.12 9.34 -21.07
C VAL A 20 8.97 9.67 -22.55
N THR A 21 7.95 9.07 -23.19
CA THR A 21 7.79 9.20 -24.63
C THR A 21 6.77 10.27 -25.05
N HIS A 22 6.15 10.93 -24.08
CA HIS A 22 5.02 11.82 -24.41
C HIS A 22 5.40 13.16 -25.00
N TYR A 23 6.64 13.61 -24.77
CA TYR A 23 7.10 14.86 -25.33
C TYR A 23 7.07 14.85 -26.87
N LYS A 24 7.04 13.67 -27.46
CA LYS A 24 6.98 13.51 -28.92
C LYS A 24 5.55 13.43 -29.45
N GLN A 25 4.56 13.51 -28.56
CA GLN A 25 3.19 13.15 -28.95
C GLN A 25 2.17 14.28 -28.85
N TYR A 26 2.48 15.31 -28.06
CA TYR A 26 1.59 16.45 -27.94
C TYR A 26 1.55 17.18 -29.27
N PRO A 27 0.49 17.97 -29.49
CA PRO A 27 0.47 18.74 -30.74
C PRO A 27 1.68 19.66 -30.87
N PRO A 28 2.27 19.74 -32.07
CA PRO A 28 3.31 20.74 -32.29
C PRO A 28 2.85 22.16 -31.92
N ASN A 29 3.78 22.99 -31.42
CA ASN A 29 3.50 24.38 -31.06
C ASN A 29 2.65 24.52 -29.82
N THR A 30 2.76 23.54 -28.92
CA THR A 30 2.06 23.57 -27.65
C THR A 30 2.96 24.20 -26.59
N SER A 31 2.47 25.26 -25.95
CA SER A 31 3.27 26.02 -25.00
C SER A 31 2.80 25.82 -23.56
N LYS A 32 1.60 25.28 -23.40
CA LYS A 32 1.03 25.09 -22.07
C LYS A 32 0.24 23.81 -21.97
N VAL A 33 0.49 23.03 -20.92
CA VAL A 33 -0.36 21.90 -20.57
C VAL A 33 -0.81 22.13 -19.12
N TYR A 34 -2.12 22.14 -18.92
CA TYR A 34 -2.71 22.44 -17.61
C TYR A 34 -3.58 21.27 -17.22
N SER A 35 -3.33 20.71 -16.03
CA SER A 35 -4.02 19.52 -15.57
C SER A 35 -4.55 19.71 -14.16
N TYR A 36 -5.48 18.87 -13.75
CA TYR A 36 -6.09 19.02 -12.43
C TYR A 36 -6.35 17.66 -11.79
N PHE A 37 -6.52 17.66 -10.47
CA PHE A 37 -6.82 16.45 -9.71
C PHE A 37 -8.17 16.58 -9.05
N GLU A 38 -8.98 15.52 -9.11
CA GLU A 38 -10.25 15.49 -8.40
C GLU A 38 -10.48 14.09 -7.84
N CYS A 39 -11.41 13.99 -6.90
CA CYS A 39 -11.95 12.70 -6.48
C CYS A 39 -13.27 12.58 -7.22
N ARG A 40 -13.22 11.96 -8.40
CA ARG A 40 -14.30 12.03 -9.38
C ARG A 40 -15.59 11.46 -8.83
N GLU A 41 -16.71 12.11 -9.15
CA GLU A 41 -18.00 11.68 -8.66
C GLU A 41 -18.41 10.43 -9.41
N LYS A 42 -19.07 9.51 -8.72
CA LYS A 42 -19.54 8.27 -9.31
C LYS A 42 -21.06 8.16 -9.23
N LYS A 43 -21.69 7.76 -10.32
CA LYS A 43 -23.14 7.61 -10.38
C LYS A 43 -23.69 6.73 -9.27
N LYS A 53 -22.04 6.77 -0.25
CA LYS A 53 -20.85 6.73 0.60
C LYS A 53 -19.71 7.59 0.08
N TYR A 54 -18.92 8.09 1.00
CA TYR A 54 -17.75 8.92 0.70
C TYR A 54 -18.09 10.13 -0.15
N GLU A 55 -19.07 10.90 0.31
CA GLU A 55 -19.54 12.05 -0.45
C GLU A 55 -18.60 13.24 -0.37
N GLU A 56 -17.73 13.26 0.64
CA GLU A 56 -16.79 14.37 0.79
C GLU A 56 -15.44 13.83 1.19
N THR A 57 -14.38 14.55 0.84
CA THR A 57 -13.03 14.04 1.06
C THR A 57 -12.16 15.06 1.77
N VAL A 58 -11.26 14.56 2.61
CA VAL A 58 -10.27 15.37 3.30
C VAL A 58 -9.05 15.54 2.41
N PHE A 59 -8.73 16.78 2.04
CA PHE A 59 -7.55 17.00 1.21
C PHE A 59 -6.33 17.06 2.10
N TYR A 60 -5.49 16.04 2.01
CA TYR A 60 -4.32 15.98 2.87
C TYR A 60 -3.19 15.21 2.19
N GLY A 61 -1.96 15.72 2.28
CA GLY A 61 -0.80 14.94 1.91
C GLY A 61 0.08 15.54 0.82
N LEU A 62 -0.42 16.55 0.14
CA LEU A 62 0.32 17.12 -0.97
C LEU A 62 1.62 17.80 -0.49
N GLN A 63 1.53 18.44 0.66
CA GLN A 63 2.67 19.19 1.22
C GLN A 63 3.86 18.26 1.45
N TYR A 64 3.59 17.05 1.90
CA TYR A 64 4.63 16.02 1.99
C TYR A 64 5.33 15.79 0.66
N ILE A 65 4.56 15.55 -0.40
CA ILE A 65 5.13 15.26 -1.72
C ILE A 65 5.93 16.45 -2.25
N LEU A 66 5.35 17.65 -2.13
CA LEU A 66 6.03 18.86 -2.58
C LEU A 66 7.41 19.02 -1.96
N ASN A 67 7.50 18.83 -0.65
CA ASN A 67 8.76 19.01 0.06
C ASN A 67 9.75 17.88 -0.13
N LYS A 68 9.26 16.65 -0.06
CA LYS A 68 10.16 15.51 -0.12
C LYS A 68 10.71 15.28 -1.53
N TYR A 69 9.89 15.54 -2.55
CA TYR A 69 10.24 15.11 -3.91
C TYR A 69 10.35 16.20 -4.98
N LEU A 70 9.60 17.29 -4.85
CA LEU A 70 9.51 18.22 -5.97
C LEU A 70 10.28 19.52 -5.82
N LYS A 71 10.54 19.95 -4.60
CA LYS A 71 11.16 21.26 -4.39
C LYS A 71 12.67 21.28 -4.52
N GLY A 72 13.20 22.46 -4.84
CA GLY A 72 14.64 22.68 -4.89
C GLY A 72 15.28 22.16 -6.16
N LYS A 73 16.59 21.89 -6.08
CA LYS A 73 17.32 21.42 -7.26
C LYS A 73 17.14 19.92 -7.40
N VAL A 74 16.20 19.51 -8.25
CA VAL A 74 15.85 18.10 -8.38
C VAL A 74 16.43 17.50 -9.65
N VAL A 75 17.04 18.35 -10.47
CA VAL A 75 17.71 17.91 -11.69
C VAL A 75 19.20 18.18 -11.56
N THR A 76 20.03 17.18 -11.86
CA THR A 76 21.49 17.34 -11.94
C THR A 76 22.04 16.62 -13.17
N LYS A 77 23.27 16.96 -13.57
CA LYS A 77 23.89 16.31 -14.73
C LYS A 77 23.93 14.80 -14.53
N GLU A 78 24.22 14.39 -13.30
CA GLU A 78 24.36 12.98 -12.99
C GLU A 78 23.01 12.27 -13.09
N LYS A 79 21.96 12.92 -12.59
CA LYS A 79 20.62 12.34 -12.69
C LYS A 79 20.14 12.23 -14.13
N ILE A 80 20.49 13.20 -14.97
CA ILE A 80 20.10 13.13 -16.37
C ILE A 80 20.80 11.97 -17.05
N GLN A 81 22.10 11.83 -16.81
CA GLN A 81 22.85 10.71 -17.40
C GLN A 81 22.36 9.35 -16.89
N GLU A 82 22.02 9.26 -15.61
N GLU A 82 22.02 9.28 -15.60
CA GLU A 82 21.55 7.98 -15.09
CA GLU A 82 21.51 8.06 -14.99
C GLU A 82 20.21 7.59 -15.72
C GLU A 82 20.25 7.62 -15.73
N ALA A 83 19.32 8.56 -15.89
CA ALA A 83 18.05 8.29 -16.56
C ALA A 83 18.27 7.88 -18.01
N LYS A 84 19.19 8.54 -18.69
CA LYS A 84 19.46 8.23 -20.08
C LYS A 84 19.93 6.77 -20.21
N ASP A 85 20.82 6.37 -19.30
CA ASP A 85 21.38 5.02 -19.30
C ASP A 85 20.30 3.97 -19.04
N VAL A 86 19.45 4.23 -18.05
CA VAL A 86 18.39 3.29 -17.68
C VAL A 86 17.38 3.15 -18.82
N TYR A 87 16.94 4.28 -19.37
CA TYR A 87 15.88 4.24 -20.39
C TYR A 87 16.36 3.61 -21.69
N LYS A 88 17.64 3.76 -22.00
CA LYS A 88 18.19 3.12 -23.17
C LYS A 88 17.97 1.61 -23.12
N GLU A 89 18.20 1.03 -21.93
CA GLU A 89 18.03 -0.41 -21.78
C GLU A 89 16.56 -0.78 -21.60
N HIS A 90 15.83 0.03 -20.84
CA HIS A 90 14.43 -0.24 -20.54
C HIS A 90 13.55 -0.24 -21.78
N PHE A 91 13.82 0.67 -22.72
CA PHE A 91 13.06 0.76 -23.96
C PHE A 91 13.75 0.06 -25.13
N GLN A 92 15.01 -0.33 -24.96
CA GLN A 92 15.81 -0.86 -26.07
C GLN A 92 15.83 0.13 -27.24
N ASP A 93 15.89 1.41 -26.89
CA ASP A 93 15.73 2.51 -27.84
C ASP A 93 16.09 3.81 -27.10
N ASP A 94 16.45 4.85 -27.84
CA ASP A 94 16.99 6.09 -27.23
C ASP A 94 15.99 7.22 -26.87
N VAL A 95 14.71 6.89 -26.76
CA VAL A 95 13.58 7.84 -26.75
C VAL A 95 13.49 8.97 -25.65
N PHE A 96 14.54 9.15 -24.88
CA PHE A 96 14.52 10.07 -23.72
C PHE A 96 14.75 11.59 -24.02
N ASN A 97 13.96 12.47 -23.42
CA ASN A 97 14.06 13.91 -23.68
C ASN A 97 15.20 14.56 -22.90
N GLU A 98 16.43 14.18 -23.24
CA GLU A 98 17.62 14.76 -22.61
C GLU A 98 17.68 16.28 -22.77
N LYS A 99 17.40 16.78 -23.97
CA LYS A 99 17.37 18.23 -24.21
C LYS A 99 16.43 18.99 -23.27
N GLY A 100 15.23 18.45 -23.07
CA GLY A 100 14.24 19.09 -22.22
C GLY A 100 14.70 19.17 -20.77
N TRP A 101 15.32 18.09 -20.29
CA TRP A 101 15.78 18.07 -18.92
C TRP A 101 17.03 18.95 -18.74
N ASN A 102 17.91 18.96 -19.74
CA ASN A 102 19.05 19.87 -19.74
C ASN A 102 18.64 21.33 -19.61
N TYR A 103 17.58 21.69 -20.31
CA TYR A 103 17.09 23.07 -20.29
C TYR A 103 16.71 23.48 -18.88
N ILE A 104 15.99 22.62 -18.18
CA ILE A 104 15.63 22.89 -16.80
C ILE A 104 16.87 23.04 -15.92
N LEU A 105 17.84 22.16 -16.11
CA LEU A 105 19.11 22.25 -15.38
C LEU A 105 19.83 23.57 -15.63
N GLU A 106 19.96 23.95 -16.91
CA GLU A 106 20.71 25.16 -17.27
C GLU A 106 20.00 26.46 -16.95
N LYS A 107 18.70 26.51 -17.25
CA LYS A 107 17.95 27.75 -17.15
C LYS A 107 17.47 28.02 -15.72
N TYR A 108 17.12 26.96 -14.99
CA TYR A 108 16.48 27.10 -13.69
C TYR A 108 17.26 26.46 -12.54
N ASP A 109 18.54 26.20 -12.78
CA ASP A 109 19.39 25.53 -11.80
C ASP A 109 18.72 24.24 -11.29
N GLY A 110 18.06 23.54 -12.20
CA GLY A 110 17.44 22.27 -11.87
C GLY A 110 16.16 22.34 -11.05
N HIS A 111 15.57 23.53 -10.92
CA HIS A 111 14.26 23.69 -10.26
C HIS A 111 13.12 23.51 -11.27
N LEU A 112 12.04 22.86 -10.87
CA LEU A 112 10.93 22.59 -11.81
C LEU A 112 10.09 23.84 -12.13
N PRO A 113 10.00 24.20 -13.42
CA PRO A 113 9.17 25.36 -13.80
C PRO A 113 7.69 24.97 -13.89
N ILE A 114 7.10 24.80 -12.71
CA ILE A 114 5.75 24.26 -12.56
C ILE A 114 5.06 25.14 -11.53
N GLU A 115 3.77 25.38 -11.70
CA GLU A 115 3.00 26.05 -10.66
C GLU A 115 1.86 25.14 -10.25
N ILE A 116 1.72 24.91 -8.96
CA ILE A 116 0.65 24.08 -8.43
C ILE A 116 -0.20 24.91 -7.51
N LYS A 117 -1.52 24.88 -7.72
CA LYS A 117 -2.45 25.58 -6.86
C LYS A 117 -3.36 24.55 -6.21
N ALA A 118 -3.64 24.71 -4.92
CA ALA A 118 -4.36 23.68 -4.18
C ALA A 118 -5.30 24.25 -3.13
N VAL A 119 -6.40 23.54 -2.86
CA VAL A 119 -7.26 23.83 -1.72
C VAL A 119 -6.45 23.59 -0.43
N PRO A 120 -6.70 24.38 0.63
CA PRO A 120 -5.91 24.18 1.85
C PRO A 120 -6.02 22.78 2.44
N GLU A 121 -4.91 22.27 2.98
CA GLU A 121 -4.93 20.95 3.56
C GLU A 121 -5.86 20.90 4.77
N GLY A 122 -6.53 19.77 4.91
CA GLY A 122 -7.53 19.60 5.95
C GLY A 122 -8.92 19.93 5.44
N PHE A 123 -9.02 20.71 4.36
CA PHE A 123 -10.33 21.08 3.84
C PHE A 123 -11.14 19.85 3.48
N VAL A 124 -12.44 19.91 3.73
CA VAL A 124 -13.37 18.82 3.47
C VAL A 124 -14.26 19.24 2.29
N ILE A 125 -14.11 18.57 1.16
CA ILE A 125 -14.68 19.01 -0.12
C ILE A 125 -15.51 17.89 -0.74
N PRO A 126 -16.72 18.19 -1.22
CA PRO A 126 -17.54 17.16 -1.85
C PRO A 126 -16.85 16.56 -3.07
N ARG A 127 -17.22 15.33 -3.41
CA ARG A 127 -16.69 14.67 -4.60
C ARG A 127 -16.92 15.51 -5.86
N GLY A 128 -16.04 15.34 -6.85
CA GLY A 128 -16.24 16.00 -8.13
C GLY A 128 -15.79 17.43 -8.22
N ASN A 129 -14.89 17.83 -7.33
CA ASN A 129 -14.39 19.19 -7.30
C ASN A 129 -12.89 19.24 -7.54
N VAL A 130 -12.43 20.31 -8.17
CA VAL A 130 -10.99 20.47 -8.34
C VAL A 130 -10.33 20.61 -6.96
N LEU A 131 -9.29 19.81 -6.71
CA LEU A 131 -8.54 19.89 -5.46
C LEU A 131 -7.16 20.53 -5.65
N PHE A 132 -6.53 20.25 -6.78
CA PHE A 132 -5.33 21.00 -7.14
C PHE A 132 -5.14 21.03 -8.66
N THR A 133 -4.39 22.02 -9.13
CA THR A 133 -4.08 22.13 -10.56
C THR A 133 -2.58 22.26 -10.74
N VAL A 134 -2.10 21.87 -11.92
CA VAL A 134 -0.68 21.85 -12.24
C VAL A 134 -0.50 22.41 -13.64
N GLU A 135 0.47 23.29 -13.83
CA GLU A 135 0.77 23.81 -15.16
C GLU A 135 2.23 24.20 -15.24
N ASN A 136 2.79 24.15 -16.45
CA ASN A 136 4.16 24.60 -16.64
C ASN A 136 4.21 26.13 -16.68
N THR A 137 5.35 26.70 -16.25
CA THR A 137 5.50 28.16 -16.23
C THR A 137 6.42 28.65 -17.35
N ASP A 138 7.00 27.70 -18.07
CA ASP A 138 7.89 27.99 -19.20
C ASP A 138 7.38 27.18 -20.40
N PRO A 139 7.19 27.83 -21.55
CA PRO A 139 6.64 27.15 -22.73
C PRO A 139 7.43 25.91 -23.14
N GLU A 140 8.74 25.93 -22.93
CA GLU A 140 9.59 24.80 -23.30
C GLU A 140 9.26 23.54 -22.49
N CYS A 141 8.62 23.72 -21.34
CA CYS A 141 8.37 22.61 -20.42
C CYS A 141 6.91 22.17 -20.40
N TYR A 142 6.23 22.31 -21.54
CA TYR A 142 4.85 21.84 -21.68
C TYR A 142 4.72 20.36 -21.28
N TRP A 143 5.78 19.59 -21.54
CA TRP A 143 5.78 18.15 -21.28
C TRP A 143 5.92 17.81 -19.79
N LEU A 144 6.27 18.80 -18.98
CA LEU A 144 6.62 18.51 -17.59
C LEU A 144 5.39 18.35 -16.70
N THR A 145 4.30 18.99 -17.09
CA THR A 145 3.07 18.99 -16.29
C THR A 145 2.60 17.58 -16.03
N ASN A 146 2.58 16.77 -17.08
CA ASN A 146 2.10 15.41 -16.92
C ASN A 146 3.17 14.39 -16.60
N TRP A 147 4.45 14.77 -16.76
CA TRP A 147 5.55 13.94 -16.24
C TRP A 147 5.33 13.65 -14.76
N ILE A 148 4.95 14.68 -14.02
CA ILE A 148 4.78 14.52 -12.57
C ILE A 148 3.38 14.08 -12.15
N GLU A 149 2.56 13.64 -13.12
CA GLU A 149 1.28 13.05 -12.78
C GLU A 149 1.42 11.91 -11.78
N THR A 150 2.31 10.98 -12.10
CA THR A 150 2.45 9.74 -11.32
C THR A 150 2.73 9.99 -9.85
N ILE A 151 3.70 10.86 -9.58
CA ILE A 151 4.06 11.14 -8.20
C ILE A 151 2.98 11.96 -7.45
N LEU A 152 2.34 12.90 -8.14
CA LEU A 152 1.28 13.71 -7.52
C LEU A 152 0.01 12.89 -7.23
N VAL A 153 -0.30 11.94 -8.11
CA VAL A 153 -1.51 11.12 -7.96
C VAL A 153 -1.44 10.23 -6.73
N GLN A 154 -0.23 9.94 -6.25
CA GLN A 154 -0.05 9.17 -5.02
C GLN A 154 -0.61 9.88 -3.80
N SER A 155 -0.96 11.15 -3.97
CA SER A 155 -1.68 11.85 -2.92
C SER A 155 -3.04 11.20 -2.66
N TRP A 156 -3.49 10.31 -3.56
CA TRP A 156 -4.74 9.58 -3.35
C TRP A 156 -4.69 8.86 -2.00
N TYR A 157 -3.51 8.40 -1.63
CA TYR A 157 -3.39 7.55 -0.44
C TYR A 157 -3.63 8.32 0.87
N PRO A 158 -2.85 9.39 1.14
CA PRO A 158 -3.24 10.13 2.36
C PRO A 158 -4.62 10.75 2.29
N ILE A 159 -5.10 11.16 1.11
CA ILE A 159 -6.47 11.64 1.02
C ILE A 159 -7.46 10.57 1.47
N THR A 160 -7.25 9.35 0.97
CA THR A 160 -8.20 8.27 1.21
C THR A 160 -8.14 7.74 2.65
N VAL A 161 -6.93 7.59 3.18
CA VAL A 161 -6.80 7.22 4.60
C VAL A 161 -7.46 8.28 5.49
N ALA A 162 -7.17 9.55 5.24
CA ALA A 162 -7.75 10.63 6.07
C ALA A 162 -9.27 10.65 5.97
N THR A 163 -9.78 10.45 4.77
CA THR A 163 -11.22 10.46 4.53
C THR A 163 -11.93 9.28 5.18
N ASN A 164 -11.39 8.08 4.99
CA ASN A 164 -11.99 6.88 5.56
C ASN A 164 -11.91 6.88 7.08
N SER A 165 -10.81 7.42 7.61
CA SER A 165 -10.67 7.56 9.05
C SER A 165 -11.72 8.53 9.59
N ARG A 166 -11.93 9.64 8.86
CA ARG A 166 -12.92 10.64 9.28
C ARG A 166 -14.34 10.06 9.26
N GLU A 167 -14.64 9.23 8.26
CA GLU A 167 -15.96 8.62 8.16
C GLU A 167 -16.19 7.67 9.31
N GLN A 168 -15.13 7.00 9.77
CA GLN A 168 -15.24 6.17 10.96
C GLN A 168 -15.45 7.01 12.22
N LYS A 169 -14.79 8.16 12.28
CA LYS A 169 -15.03 9.08 13.39
C LYS A 169 -16.48 9.56 13.44
N LYS A 170 -17.11 9.78 12.27
CA LYS A 170 -18.52 10.16 12.23
C LYS A 170 -19.42 9.11 12.85
N ILE A 171 -19.15 7.84 12.54
CA ILE A 171 -19.91 6.72 13.07
C ILE A 171 -19.73 6.66 14.59
N LEU A 172 -18.47 6.73 15.04
CA LEU A 172 -18.20 6.70 16.47
C LEU A 172 -18.86 7.86 17.20
N ALA A 173 -18.80 9.04 16.59
CA ALA A 173 -19.39 10.23 17.22
C ALA A 173 -20.90 10.07 17.37
N LYS A 174 -21.54 9.56 16.33
CA LYS A 174 -23.00 9.39 16.34
C LYS A 174 -23.44 8.48 17.48
N TYR A 175 -22.79 7.32 17.58
CA TYR A 175 -23.11 6.32 18.60
C TYR A 175 -22.63 6.70 20.00
N LEU A 176 -21.49 7.36 20.12
CA LEU A 176 -21.04 7.83 21.43
C LEU A 176 -22.02 8.87 21.94
N LEU A 177 -22.45 9.77 21.06
CA LEU A 177 -23.40 10.81 21.49
C LEU A 177 -24.73 10.19 21.92
N GLU A 178 -25.22 9.27 21.12
CA GLU A 178 -26.50 8.64 21.44
C GLU A 178 -26.46 7.84 22.75
N THR A 179 -25.39 7.07 22.96
CA THR A 179 -25.34 6.23 24.15
C THR A 179 -24.79 6.90 25.42
N SER A 180 -24.14 8.06 25.29
CA SER A 180 -23.52 8.69 26.46
C SER A 180 -23.93 10.14 26.69
N GLY A 181 -24.37 10.81 25.63
CA GLY A 181 -24.77 12.20 25.74
C GLY A 181 -23.68 13.22 25.45
N ASN A 182 -22.47 12.74 25.17
CA ASN A 182 -21.37 13.66 24.86
C ASN A 182 -20.33 12.98 23.96
N LEU A 183 -19.26 13.69 23.65
CA LEU A 183 -18.22 13.15 22.77
C LEU A 183 -16.89 12.95 23.48
N ASP A 184 -16.91 12.89 24.81
CA ASP A 184 -15.67 12.71 25.55
C ASP A 184 -14.93 11.43 25.13
N GLY A 185 -13.64 11.57 24.84
CA GLY A 185 -12.81 10.46 24.46
C GLY A 185 -12.87 10.06 23.00
N LEU A 186 -13.68 10.76 22.20
CA LEU A 186 -13.86 10.41 20.79
C LEU A 186 -12.54 10.31 20.03
N GLU A 187 -11.60 11.20 20.36
CA GLU A 187 -10.35 11.29 19.62
C GLU A 187 -9.40 10.13 19.93
N TYR A 188 -9.77 9.28 20.89
CA TYR A 188 -8.98 8.08 21.19
C TYR A 188 -9.74 6.78 20.94
N LYS A 189 -10.84 6.85 20.19
CA LYS A 189 -11.71 5.68 20.01
C LYS A 189 -11.30 4.77 18.83
N LEU A 190 -10.39 5.23 17.99
CA LEU A 190 -9.91 4.44 16.86
C LEU A 190 -8.40 4.53 16.78
N HIS A 191 -7.74 3.46 17.22
CA HIS A 191 -6.29 3.45 17.34
C HIS A 191 -5.68 2.75 16.12
N ASP A 192 -4.58 3.31 15.62
CA ASP A 192 -3.88 2.77 14.45
C ASP A 192 -2.99 1.59 14.88
N PHE A 193 -3.33 0.40 14.38
CA PHE A 193 -2.57 -0.83 14.60
C PHE A 193 -1.88 -1.29 13.30
N GLY A 194 -1.80 -0.42 12.30
CA GLY A 194 -1.47 -0.88 10.96
C GLY A 194 -0.03 -0.94 10.49
N TYR A 195 0.92 -0.69 11.37
CA TYR A 195 2.32 -0.62 10.96
C TYR A 195 2.78 -1.90 10.23
N ARG A 196 2.50 -3.06 10.81
CA ARG A 196 2.95 -4.31 10.19
C ARG A 196 2.17 -4.67 8.92
N GLY A 197 0.98 -4.09 8.78
CA GLY A 197 0.02 -4.49 7.76
C GLY A 197 0.04 -3.65 6.50
N VAL A 198 0.93 -2.67 6.44
CA VAL A 198 1.06 -1.84 5.23
C VAL A 198 2.24 -2.33 4.42
N SER A 199 2.38 -1.77 3.22
CA SER A 199 3.29 -2.31 2.24
C SER A 199 4.74 -1.83 2.35
N SER A 200 4.98 -0.79 3.13
CA SER A 200 6.33 -0.27 3.26
C SER A 200 6.46 0.67 4.47
N GLN A 201 7.70 0.93 4.86
CA GLN A 201 7.98 1.93 5.89
C GLN A 201 7.47 3.30 5.50
N GLU A 202 7.65 3.68 4.22
CA GLU A 202 7.19 5.01 3.80
C GLU A 202 5.68 5.10 3.90
N THR A 203 5.00 4.06 3.44
CA THR A 203 3.55 4.03 3.48
C THR A 203 3.06 4.13 4.92
N ALA A 204 3.74 3.42 5.82
CA ALA A 204 3.42 3.50 7.24
C ALA A 204 3.38 4.93 7.76
N GLY A 205 4.44 5.69 7.48
CA GLY A 205 4.49 7.08 7.94
C GLY A 205 3.38 7.94 7.34
N ILE A 206 3.20 7.86 6.03
CA ILE A 206 2.16 8.64 5.36
C ILE A 206 0.76 8.29 5.87
N GLY A 207 0.45 7.00 5.90
CA GLY A 207 -0.85 6.54 6.35
C GLY A 207 -1.14 6.90 7.79
N ALA A 208 -0.17 6.67 8.66
CA ALA A 208 -0.36 6.99 10.09
C ALA A 208 -0.62 8.48 10.28
N SER A 209 0.10 9.32 9.51
CA SER A 209 -0.10 10.76 9.62
C SER A 209 -1.50 11.16 9.17
N ALA A 210 -2.03 10.48 8.16
CA ALA A 210 -3.38 10.80 7.69
C ALA A 210 -4.44 10.45 8.72
N HIS A 211 -4.26 9.33 9.40
CA HIS A 211 -5.19 8.93 10.47
C HIS A 211 -5.17 9.96 11.59
N LEU A 212 -3.98 10.47 11.90
CA LEU A 212 -3.83 11.46 12.97
C LEU A 212 -4.49 12.80 12.68
N VAL A 213 -4.94 13.01 11.45
CA VAL A 213 -5.75 14.18 11.14
C VAL A 213 -7.05 14.16 11.97
N ASN A 214 -7.51 12.95 12.27
CA ASN A 214 -8.81 12.74 12.92
C ASN A 214 -8.75 12.23 14.35
N PHE A 215 -7.70 11.49 14.68
CA PHE A 215 -7.59 10.88 15.99
C PHE A 215 -6.21 11.14 16.61
N LYS A 216 -6.05 10.76 17.86
CA LYS A 216 -4.78 10.99 18.54
C LYS A 216 -4.03 9.73 18.94
N GLY A 217 -4.65 8.57 18.74
CA GLY A 217 -4.05 7.30 19.11
C GLY A 217 -3.39 6.54 17.96
N THR A 218 -2.09 6.28 18.09
CA THR A 218 -1.37 5.48 17.10
C THR A 218 -0.26 4.63 17.72
N ASP A 219 -0.07 3.44 17.17
CA ASP A 219 1.12 2.62 17.44
C ASP A 219 2.06 2.66 16.24
N THR A 220 1.66 3.37 15.19
CA THR A 220 2.50 3.44 14.00
C THR A 220 3.44 4.63 14.15
N VAL A 221 4.56 4.37 14.82
CA VAL A 221 5.49 5.42 15.26
C VAL A 221 6.01 6.26 14.10
N ALA A 222 6.13 5.65 12.93
CA ALA A 222 6.58 6.34 11.72
C ALA A 222 5.80 7.64 11.43
N GLY A 223 4.53 7.68 11.81
CA GLY A 223 3.72 8.87 11.56
C GLY A 223 4.22 10.12 12.26
N LEU A 224 4.78 9.95 13.45
CA LEU A 224 5.18 11.11 14.26
C LEU A 224 6.28 11.92 13.61
N ALA A 225 7.32 11.26 13.11
CA ALA A 225 8.47 11.95 12.52
C ALA A 225 8.09 12.64 11.22
N LEU A 226 7.19 12.03 10.47
CA LEU A 226 6.68 12.63 9.24
C LEU A 226 5.98 13.96 9.55
N ILE A 227 5.10 13.95 10.54
CA ILE A 227 4.37 15.17 10.91
C ILE A 227 5.33 16.24 11.40
N LYS A 228 6.25 15.88 12.28
CA LYS A 228 7.25 16.81 12.78
C LYS A 228 8.08 17.45 11.65
N LYS A 229 8.49 16.64 10.69
CA LYS A 229 9.35 17.17 9.62
C LYS A 229 8.63 18.03 8.58
N TYR A 230 7.41 17.64 8.21
CA TYR A 230 6.74 18.23 7.06
C TYR A 230 5.58 19.16 7.38
N TYR A 231 5.04 19.07 8.59
CA TYR A 231 3.83 19.81 8.95
C TYR A 231 3.97 20.62 10.25
N GLY A 232 4.29 19.91 11.32
CA GLY A 232 4.54 20.51 12.62
C GLY A 232 3.32 20.68 13.51
N THR A 233 3.50 20.43 14.81
CA THR A 233 2.45 20.70 15.81
C THR A 233 3.00 21.56 16.93
N LYS A 234 2.12 22.32 17.57
CA LYS A 234 2.46 23.04 18.81
C LYS A 234 2.89 22.06 19.91
N ASP A 235 2.09 21.03 20.11
CA ASP A 235 2.44 19.97 21.06
C ASP A 235 3.68 19.21 20.61
N PRO A 236 4.42 18.62 21.57
CA PRO A 236 5.61 17.81 21.27
C PRO A 236 5.33 16.72 20.25
N VAL A 237 4.22 15.98 20.41
CA VAL A 237 3.88 14.92 19.43
C VAL A 237 2.40 14.98 19.05
N PRO A 238 2.07 14.46 17.84
CA PRO A 238 0.68 14.49 17.40
C PRO A 238 -0.13 13.25 17.84
N GLY A 239 0.53 12.20 18.31
CA GLY A 239 -0.15 10.96 18.62
C GLY A 239 0.46 10.24 19.80
N TYR A 240 -0.34 9.39 20.44
CA TYR A 240 0.02 8.82 21.74
C TYR A 240 -0.33 7.34 21.81
N SER A 241 0.29 6.64 22.75
CA SER A 241 -0.09 5.26 23.06
C SER A 241 0.11 4.98 24.54
N VAL A 242 -0.19 3.75 24.96
CA VAL A 242 -0.05 3.32 26.35
C VAL A 242 0.52 1.89 26.36
N PRO A 243 1.04 1.43 27.52
CA PRO A 243 1.61 0.08 27.53
C PRO A 243 0.56 -1.00 27.25
N ALA A 244 1.01 -2.11 26.68
CA ALA A 244 0.11 -3.20 26.37
C ALA A 244 0.90 -4.46 26.09
N ALA A 245 0.24 -5.59 26.31
CA ALA A 245 0.83 -6.89 26.02
C ALA A 245 0.59 -7.27 24.57
N GLU A 246 1.37 -8.22 24.07
CA GLU A 246 1.04 -8.91 22.82
C GLU A 246 0.96 -10.39 23.17
N HIS A 247 0.55 -11.24 22.23
CA HIS A 247 0.42 -12.65 22.58
C HIS A 247 1.72 -13.24 23.09
N SER A 248 2.85 -12.84 22.50
CA SER A 248 4.15 -13.38 22.92
C SER A 248 4.46 -13.16 24.41
N THR A 249 4.07 -12.01 24.96
CA THR A 249 4.39 -11.73 26.36
C THR A 249 3.46 -12.44 27.33
N ILE A 250 2.37 -13.00 26.81
CA ILE A 250 1.52 -13.89 27.58
C ILE A 250 1.96 -15.35 27.39
N THR A 251 2.06 -15.77 26.14
CA THR A 251 2.32 -17.18 25.85
C THR A 251 3.70 -17.62 26.29
N ALA A 252 4.65 -16.69 26.37
CA ALA A 252 6.01 -17.03 26.85
C ALA A 252 6.03 -17.65 28.25
N TRP A 253 5.00 -17.35 29.05
CA TRP A 253 4.93 -17.86 30.43
C TRP A 253 4.53 -19.32 30.47
N GLY A 254 4.07 -19.83 29.34
CA GLY A 254 3.58 -21.19 29.26
C GLY A 254 2.08 -21.26 29.40
N LYS A 255 1.50 -22.26 28.74
CA LYS A 255 0.06 -22.43 28.69
C LYS A 255 -0.62 -22.46 30.06
N ASP A 256 0.02 -23.07 31.05
CA ASP A 256 -0.57 -23.17 32.38
C ASP A 256 -0.37 -21.94 33.26
N HIS A 257 0.24 -20.90 32.70
CA HIS A 257 0.62 -19.75 33.52
C HIS A 257 0.11 -18.43 32.97
N GLU A 258 -1.04 -18.48 32.30
CA GLU A 258 -1.66 -17.27 31.77
C GLU A 258 -1.96 -16.28 32.88
N LYS A 259 -2.48 -16.80 34.00
CA LYS A 259 -2.77 -15.92 35.15
C LYS A 259 -1.52 -15.22 35.65
N ASP A 260 -0.43 -15.96 35.75
CA ASP A 260 0.85 -15.39 36.18
C ASP A 260 1.30 -14.28 35.24
N ALA A 261 1.10 -14.48 33.94
CA ALA A 261 1.44 -13.45 32.97
C ALA A 261 0.59 -12.19 33.22
N PHE A 262 -0.73 -12.36 33.26
CA PHE A 262 -1.65 -11.25 33.52
C PHE A 262 -1.25 -10.49 34.78
N GLU A 263 -1.02 -11.21 35.87
CA GLU A 263 -0.70 -10.57 37.15
C GLU A 263 0.58 -9.76 37.06
N HIS A 264 1.62 -10.36 36.48
CA HIS A 264 2.90 -9.69 36.31
C HIS A 264 2.74 -8.39 35.51
N ILE A 265 2.01 -8.46 34.40
CA ILE A 265 1.86 -7.32 33.51
C ILE A 265 1.07 -6.16 34.14
N VAL A 266 -0.07 -6.45 34.75
CA VAL A 266 -0.87 -5.37 35.32
C VAL A 266 -0.18 -4.77 36.55
N THR A 267 0.70 -5.54 37.18
CA THR A 267 1.43 -5.04 38.36
C THR A 267 2.62 -4.18 37.92
N GLN A 268 3.26 -4.56 36.82
CA GLN A 268 4.32 -3.75 36.21
C GLN A 268 3.79 -2.40 35.79
N PHE A 269 2.55 -2.38 35.30
CA PHE A 269 1.93 -1.16 34.82
C PHE A 269 0.68 -0.85 35.65
N SER A 270 0.89 -0.64 36.95
CA SER A 270 -0.20 -0.50 37.91
C SER A 270 -0.82 0.89 37.94
N SER A 271 -0.08 1.89 37.46
CA SER A 271 -0.51 3.28 37.60
C SER A 271 -0.71 4.01 36.29
N VAL A 272 -0.63 3.27 35.18
CA VAL A 272 -0.95 3.82 33.87
C VAL A 272 -1.96 2.89 33.19
N PRO A 273 -2.64 3.35 32.13
CA PRO A 273 -3.55 2.44 31.45
C PRO A 273 -2.74 1.30 30.85
N VAL A 274 -3.31 0.11 30.83
CA VAL A 274 -2.63 -1.03 30.23
C VAL A 274 -3.63 -1.91 29.53
N SER A 275 -3.29 -2.31 28.30
CA SER A 275 -4.16 -3.24 27.57
C SER A 275 -3.54 -4.63 27.58
N VAL A 276 -4.36 -5.64 27.82
CA VAL A 276 -3.87 -7.00 27.92
C VAL A 276 -4.67 -7.91 27.00
N VAL A 277 -4.03 -8.43 25.97
CA VAL A 277 -4.68 -9.36 25.07
C VAL A 277 -5.05 -10.65 25.82
N SER A 278 -6.30 -11.08 25.67
CA SER A 278 -6.84 -12.05 26.61
C SER A 278 -7.38 -13.32 25.95
N ASP A 279 -7.09 -13.49 24.66
CA ASP A 279 -7.66 -14.62 23.92
C ASP A 279 -6.63 -15.68 23.52
N SER A 280 -5.45 -15.69 24.14
CA SER A 280 -4.40 -16.65 23.75
C SER A 280 -4.91 -18.08 23.73
N TYR A 281 -5.75 -18.43 24.71
CA TYR A 281 -6.28 -19.76 24.80
C TYR A 281 -7.80 -19.83 24.87
N ASP A 282 -8.39 -18.99 25.72
CA ASP A 282 -9.85 -18.96 25.85
C ASP A 282 -10.25 -17.62 26.42
N ILE A 283 -10.66 -16.71 25.55
CA ILE A 283 -11.05 -15.36 25.93
C ILE A 283 -12.14 -15.35 27.00
N TYR A 284 -13.10 -16.25 26.87
CA TYR A 284 -14.24 -16.22 27.80
C TYR A 284 -13.85 -16.67 29.20
N ASN A 285 -13.00 -17.69 29.29
CA ASN A 285 -12.42 -18.11 30.56
C ASN A 285 -11.58 -17.01 31.18
N ALA A 286 -10.76 -16.35 30.35
CA ALA A 286 -9.88 -15.30 30.83
C ALA A 286 -10.69 -14.18 31.48
N CYS A 287 -11.78 -13.79 30.83
CA CYS A 287 -12.62 -12.71 31.35
C CYS A 287 -13.39 -13.14 32.60
N GLU A 288 -13.98 -14.32 32.58
CA GLU A 288 -14.87 -14.70 33.67
C GLU A 288 -14.14 -15.23 34.88
N LYS A 289 -13.12 -16.05 34.65
CA LYS A 289 -12.41 -16.71 35.74
C LYS A 289 -11.10 -16.01 36.11
N ILE A 290 -10.29 -15.64 35.12
CA ILE A 290 -8.99 -15.04 35.46
C ILE A 290 -9.15 -13.59 35.91
N TRP A 291 -9.64 -12.73 35.03
CA TRP A 291 -9.89 -11.35 35.40
C TRP A 291 -11.05 -11.24 36.38
N GLY A 292 -12.11 -12.00 36.14
CA GLY A 292 -13.34 -11.82 36.88
C GLY A 292 -13.36 -12.41 38.28
N GLU A 293 -12.42 -13.30 38.56
CA GLU A 293 -12.34 -13.94 39.88
C GLU A 293 -10.92 -13.93 40.43
N ASP A 294 -10.01 -14.70 39.81
CA ASP A 294 -8.65 -14.86 40.35
C ASP A 294 -7.89 -13.55 40.58
N LEU A 295 -8.00 -12.62 39.63
CA LEU A 295 -7.23 -11.38 39.68
C LEU A 295 -8.10 -10.13 39.85
N ARG A 296 -9.38 -10.34 40.13
CA ARG A 296 -10.32 -9.23 40.29
C ARG A 296 -9.83 -8.17 41.27
N HIS A 297 -9.14 -8.60 42.32
CA HIS A 297 -8.68 -7.68 43.36
C HIS A 297 -7.60 -6.71 42.84
N LEU A 298 -6.94 -7.10 41.76
CA LEU A 298 -5.93 -6.24 41.14
C LEU A 298 -6.55 -5.29 40.13
N ILE A 299 -7.80 -5.55 39.78
CA ILE A 299 -8.48 -4.69 38.81
C ILE A 299 -9.30 -3.61 39.51
N VAL A 300 -10.07 -4.01 40.52
CA VAL A 300 -11.01 -3.08 41.17
C VAL A 300 -10.32 -1.99 41.98
N SER A 301 -9.02 -2.16 42.19
CA SER A 301 -8.20 -1.22 42.95
C SER A 301 -7.56 -0.14 42.07
N ARG A 302 -7.71 -0.26 40.76
CA ARG A 302 -7.03 0.65 39.84
C ARG A 302 -7.67 2.03 39.73
N SER A 303 -6.85 3.02 39.42
CA SER A 303 -7.29 4.39 39.19
C SER A 303 -8.12 4.52 37.91
N THR A 304 -9.00 5.52 37.90
CA THR A 304 -9.75 5.88 36.71
C THR A 304 -8.83 6.35 35.59
N GLN A 305 -7.67 6.88 35.96
CA GLN A 305 -6.68 7.30 34.97
C GLN A 305 -5.80 6.15 34.51
N ALA A 306 -6.03 4.96 35.06
CA ALA A 306 -5.19 3.80 34.74
C ALA A 306 -5.99 2.51 34.65
N PRO A 307 -6.99 2.47 33.75
CA PRO A 307 -7.80 1.26 33.68
C PRO A 307 -7.07 0.07 33.09
N LEU A 308 -7.55 -1.13 33.37
CA LEU A 308 -7.22 -2.27 32.55
C LEU A 308 -8.11 -2.24 31.31
N ILE A 309 -7.51 -2.40 30.13
CA ILE A 309 -8.26 -2.52 28.91
C ILE A 309 -8.11 -3.94 28.40
N ILE A 310 -9.20 -4.70 28.43
CA ILE A 310 -9.17 -6.08 27.99
C ILE A 310 -9.30 -6.15 26.48
N ARG A 311 -8.44 -6.94 25.85
CA ARG A 311 -8.43 -7.01 24.40
C ARG A 311 -8.73 -8.42 23.90
N PRO A 312 -9.97 -8.64 23.41
CA PRO A 312 -10.20 -9.87 22.67
C PRO A 312 -9.55 -9.72 21.30
N ASP A 313 -9.28 -10.82 20.59
CA ASP A 313 -8.56 -10.69 19.33
C ASP A 313 -8.88 -11.79 18.31
N SER A 314 -10.03 -12.44 18.50
CA SER A 314 -10.43 -13.53 17.61
C SER A 314 -11.92 -13.81 17.74
N GLY A 315 -12.45 -14.56 16.79
CA GLY A 315 -13.87 -14.85 16.75
C GLY A 315 -14.61 -13.77 16.01
N ASN A 316 -15.91 -13.97 15.79
CA ASN A 316 -16.73 -12.93 15.18
C ASN A 316 -16.64 -11.67 16.03
N PRO A 317 -16.21 -10.54 15.44
CA PRO A 317 -15.98 -9.31 16.22
C PRO A 317 -17.19 -8.87 17.03
N LEU A 318 -18.36 -8.78 16.41
CA LEU A 318 -19.56 -8.37 17.13
C LEU A 318 -19.94 -9.37 18.21
N ASP A 319 -19.99 -10.64 17.86
CA ASP A 319 -20.39 -11.68 18.82
C ASP A 319 -19.46 -11.69 20.02
N THR A 320 -18.17 -11.53 19.76
CA THR A 320 -17.15 -11.61 20.80
C THR A 320 -17.22 -10.39 21.73
N VAL A 321 -17.28 -9.20 21.15
CA VAL A 321 -17.45 -7.99 21.96
C VAL A 321 -18.65 -8.09 22.88
N LEU A 322 -19.80 -8.51 22.34
CA LEU A 322 -21.02 -8.61 23.15
C LEU A 322 -20.88 -9.64 24.27
N LYS A 323 -20.24 -10.76 23.98
CA LYS A 323 -20.08 -11.81 24.98
C LYS A 323 -19.11 -11.37 26.07
N VAL A 324 -18.03 -10.71 25.65
CA VAL A 324 -17.07 -10.17 26.61
C VAL A 324 -17.73 -9.16 27.54
N LEU A 325 -18.52 -8.24 26.98
CA LEU A 325 -19.26 -7.29 27.81
C LEU A 325 -20.25 -7.99 28.76
N GLU A 326 -20.97 -8.97 28.22
CA GLU A 326 -21.91 -9.76 29.04
C GLU A 326 -21.20 -10.42 30.22
N ILE A 327 -20.03 -11.02 29.98
CA ILE A 327 -19.24 -11.64 31.05
C ILE A 327 -18.78 -10.63 32.10
N LEU A 328 -18.16 -9.55 31.63
CA LEU A 328 -17.64 -8.52 32.53
C LEU A 328 -18.74 -7.86 33.33
N GLY A 329 -19.90 -7.67 32.70
CA GLY A 329 -21.04 -7.06 33.35
C GLY A 329 -21.55 -7.86 34.53
N LYS A 330 -21.26 -9.16 34.53
CA LYS A 330 -21.72 -10.01 35.61
C LYS A 330 -20.67 -10.26 36.69
N LYS A 331 -19.42 -9.90 36.40
CA LYS A 331 -18.36 -10.04 37.40
C LYS A 331 -17.95 -8.69 38.00
N PHE A 332 -18.34 -7.60 37.34
CA PHE A 332 -17.98 -6.26 37.83
C PHE A 332 -19.22 -5.38 38.03
N PRO A 333 -19.10 -4.35 38.87
CA PRO A 333 -20.28 -3.51 39.12
C PRO A 333 -20.58 -2.54 37.97
N VAL A 334 -21.62 -2.87 37.21
CA VAL A 334 -22.05 -2.04 36.08
C VAL A 334 -23.08 -1.00 36.52
N THR A 335 -22.98 0.20 35.99
CA THR A 335 -23.98 1.23 36.22
C THR A 335 -24.81 1.48 34.97
N GLU A 336 -25.91 2.21 35.14
CA GLU A 336 -26.69 2.66 34.01
C GLU A 336 -26.55 4.16 33.93
N ASN A 337 -26.06 4.65 32.79
CA ASN A 337 -25.86 6.08 32.62
C ASN A 337 -27.17 6.83 32.38
N SER A 338 -27.07 8.14 32.22
CA SER A 338 -28.25 8.98 32.17
C SER A 338 -29.03 8.78 30.88
N LYS A 339 -28.42 8.11 29.91
CA LYS A 339 -29.10 7.79 28.65
C LYS A 339 -29.75 6.40 28.68
N GLY A 340 -29.49 5.64 29.74
CA GLY A 340 -30.08 4.34 29.91
C GLY A 340 -29.18 3.19 29.46
N TYR A 341 -27.94 3.51 29.15
CA TYR A 341 -27.00 2.50 28.66
C TYR A 341 -26.07 1.99 29.74
N LYS A 342 -25.64 0.75 29.63
CA LYS A 342 -24.81 0.14 30.66
C LYS A 342 -23.36 0.58 30.52
N LEU A 343 -22.71 0.75 31.67
CA LEU A 343 -21.37 1.28 31.73
C LEU A 343 -20.54 0.51 32.73
N LEU A 344 -19.41 -0.02 32.26
CA LEU A 344 -18.47 -0.74 33.11
C LEU A 344 -17.87 0.25 34.11
N PRO A 345 -17.37 -0.25 35.24
CA PRO A 345 -16.69 0.65 36.18
C PRO A 345 -15.47 1.31 35.51
N PRO A 346 -15.06 2.48 36.00
CA PRO A 346 -14.06 3.28 35.27
C PRO A 346 -12.66 2.64 35.18
N TYR A 347 -12.37 1.62 35.98
CA TYR A 347 -11.07 0.97 35.95
C TYR A 347 -11.02 -0.16 34.92
N LEU A 348 -12.09 -0.33 34.15
CA LEU A 348 -12.19 -1.46 33.23
C LEU A 348 -12.80 -1.05 31.90
N ARG A 349 -12.09 -1.35 30.81
CA ARG A 349 -12.55 -1.02 29.47
C ARG A 349 -12.16 -2.16 28.52
N VAL A 350 -12.65 -2.07 27.29
CA VAL A 350 -12.39 -3.09 26.27
C VAL A 350 -11.88 -2.43 24.99
N ILE A 351 -10.95 -3.10 24.30
CA ILE A 351 -10.56 -2.68 22.95
C ILE A 351 -10.71 -3.85 21.98
N GLN A 352 -11.41 -3.62 20.88
CA GLN A 352 -11.51 -4.63 19.84
C GLN A 352 -10.62 -4.21 18.69
N GLY A 353 -9.58 -4.99 18.44
CA GLY A 353 -8.62 -4.66 17.42
C GLY A 353 -8.35 -5.76 16.42
N ASP A 354 -9.33 -6.65 16.21
CA ASP A 354 -9.27 -7.67 15.17
C ASP A 354 -10.44 -7.52 14.21
N GLY A 355 -10.16 -7.58 12.91
CA GLY A 355 -11.21 -7.56 11.92
C GLY A 355 -11.97 -6.25 11.82
N VAL A 356 -11.37 -5.15 12.27
CA VAL A 356 -12.05 -3.86 12.24
C VAL A 356 -11.78 -3.06 10.97
N ASP A 357 -12.86 -2.79 10.24
CA ASP A 357 -12.86 -1.81 9.16
C ASP A 357 -14.11 -0.96 9.29
N ILE A 358 -14.38 -0.08 8.34
CA ILE A 358 -15.49 0.85 8.50
C ILE A 358 -16.83 0.11 8.59
N ASN A 359 -16.93 -1.01 7.88
CA ASN A 359 -18.16 -1.79 7.89
C ASN A 359 -18.39 -2.51 9.21
N THR A 360 -17.36 -3.18 9.71
CA THR A 360 -17.51 -3.95 10.94
C THR A 360 -17.59 -3.03 12.17
N LEU A 361 -16.92 -1.89 12.11
CA LEU A 361 -17.04 -0.86 13.14
C LEU A 361 -18.50 -0.50 13.33
N GLN A 362 -19.16 -0.19 12.21
CA GLN A 362 -20.57 0.18 12.22
C GLN A 362 -21.40 -0.96 12.81
N GLU A 363 -21.13 -2.18 12.38
CA GLU A 363 -21.87 -3.33 12.88
C GLU A 363 -21.70 -3.50 14.40
N ILE A 364 -20.47 -3.29 14.88
CA ILE A 364 -20.22 -3.49 16.31
C ILE A 364 -20.94 -2.45 17.16
N VAL A 365 -20.82 -1.17 16.79
CA VAL A 365 -21.44 -0.13 17.62
C VAL A 365 -22.97 -0.19 17.60
N GLU A 366 -23.53 -0.56 16.45
CA GLU A 366 -24.98 -0.74 16.36
C GLU A 366 -25.44 -1.94 17.20
N GLY A 367 -24.64 -3.00 17.20
CA GLY A 367 -24.93 -4.18 18.00
C GLY A 367 -24.89 -3.86 19.48
N MET A 368 -23.89 -3.09 19.89
CA MET A 368 -23.77 -2.65 21.28
C MET A 368 -24.97 -1.80 21.68
N LYS A 369 -25.35 -0.87 20.80
CA LYS A 369 -26.50 -0.03 21.07
C LYS A 369 -27.76 -0.89 21.27
N GLN A 370 -27.96 -1.88 20.41
CA GLN A 370 -29.13 -2.75 20.54
C GLN A 370 -29.14 -3.51 21.86
N LYS A 371 -27.96 -3.83 22.37
CA LYS A 371 -27.87 -4.59 23.62
C LYS A 371 -27.69 -3.66 24.82
N MET A 372 -27.92 -2.36 24.59
CA MET A 372 -27.90 -1.35 25.66
C MET A 372 -26.53 -1.16 26.32
N TRP A 373 -25.46 -1.32 25.55
CA TRP A 373 -24.12 -1.05 26.05
C TRP A 373 -23.60 0.29 25.53
N SER A 374 -23.12 1.13 26.43
CA SER A 374 -22.59 2.42 25.99
C SER A 374 -21.30 2.27 25.18
N ILE A 375 -21.12 3.13 24.18
CA ILE A 375 -19.89 3.11 23.40
C ILE A 375 -18.73 3.64 24.25
N GLU A 376 -19.06 4.25 25.39
CA GLU A 376 -18.02 4.61 26.35
C GLU A 376 -17.15 3.42 26.75
N ASN A 377 -17.73 2.22 26.71
CA ASN A 377 -17.04 1.01 27.16
C ASN A 377 -15.91 0.52 26.29
N ILE A 378 -15.90 0.96 25.04
CA ILE A 378 -15.07 0.32 24.03
C ILE A 378 -14.24 1.30 23.24
N ALA A 379 -13.10 0.81 22.76
CA ALA A 379 -12.32 1.50 21.75
C ALA A 379 -11.97 0.46 20.70
N PHE A 380 -11.57 0.94 19.54
CA PHE A 380 -11.26 0.05 18.42
C PHE A 380 -9.83 0.26 17.97
N GLY A 381 -9.20 -0.85 17.56
CA GLY A 381 -7.92 -0.78 16.89
C GLY A 381 -8.14 -1.27 15.47
N SER A 382 -7.48 -0.63 14.51
CA SER A 382 -7.63 -1.05 13.12
C SER A 382 -6.28 -0.94 12.46
N GLY A 383 -5.94 -1.96 11.67
CA GLY A 383 -4.62 -2.04 11.08
C GLY A 383 -4.72 -2.02 9.58
N GLY A 384 -4.81 -3.21 8.98
CA GLY A 384 -4.97 -3.32 7.54
C GLY A 384 -6.20 -2.58 7.03
N GLY A 385 -7.29 -2.67 7.77
CA GLY A 385 -8.51 -1.98 7.39
C GLY A 385 -8.37 -0.47 7.33
N LEU A 386 -7.52 0.07 8.20
CA LEU A 386 -7.34 1.51 8.31
C LEU A 386 -6.32 2.06 7.30
N LEU A 387 -5.26 1.30 7.06
CA LEU A 387 -4.12 1.82 6.31
C LEU A 387 -3.80 1.07 5.01
N GLN A 388 -4.30 -0.14 4.83
CA GLN A 388 -3.89 -0.91 3.64
C GLN A 388 -5.03 -1.28 2.69
N LYS A 389 -6.20 -1.57 3.24
CA LYS A 389 -7.34 -2.04 2.44
C LYS A 389 -8.10 -0.86 1.83
N LEU A 390 -7.39 -0.11 0.99
CA LEU A 390 -7.87 1.10 0.33
C LEU A 390 -7.20 1.15 -1.02
N THR A 391 -7.91 1.64 -2.04
CA THR A 391 -7.35 1.83 -3.38
C THR A 391 -7.80 3.17 -3.94
N ARG A 392 -7.20 3.52 -5.06
CA ARG A 392 -7.47 4.78 -5.73
C ARG A 392 -8.89 4.82 -6.28
N ASP A 393 -9.50 3.65 -6.44
CA ASP A 393 -10.90 3.54 -6.89
C ASP A 393 -11.94 3.97 -5.85
N LEU A 394 -11.59 3.95 -4.57
CA LEU A 394 -12.57 4.24 -3.53
C LEU A 394 -13.17 5.63 -3.76
N LEU A 395 -12.30 6.62 -3.98
CA LEU A 395 -12.75 7.99 -4.20
C LEU A 395 -12.52 8.46 -5.64
N ASN A 396 -12.15 7.55 -6.52
CA ASN A 396 -11.84 7.87 -7.91
C ASN A 396 -10.88 9.05 -8.07
N CYS A 397 -9.78 8.99 -7.34
CA CYS A 397 -8.73 10.01 -7.39
C CYS A 397 -8.04 9.95 -8.75
N SER A 398 -8.03 11.10 -9.45
CA SER A 398 -7.64 11.10 -10.84
C SER A 398 -7.08 12.44 -11.29
N PHE A 399 -6.14 12.40 -12.22
CA PHE A 399 -5.43 13.58 -12.69
C PHE A 399 -5.64 13.62 -14.19
N LYS A 400 -6.11 14.74 -14.73
CA LYS A 400 -6.42 14.87 -16.14
C LYS A 400 -6.04 16.24 -16.70
N CYS A 401 -5.65 16.26 -17.98
CA CYS A 401 -5.39 17.52 -18.68
C CYS A 401 -6.72 18.17 -19.08
N SER A 402 -6.91 19.44 -18.72
CA SER A 402 -8.16 20.15 -19.06
C SER A 402 -7.96 21.35 -20.00
N TYR A 403 -6.72 21.79 -20.21
CA TYR A 403 -6.48 23.01 -20.96
C TYR A 403 -5.09 22.98 -21.56
N VAL A 404 -5.00 23.29 -22.85
CA VAL A 404 -3.70 23.45 -23.49
C VAL A 404 -3.69 24.73 -24.29
N VAL A 405 -2.50 25.26 -24.54
CA VAL A 405 -2.36 26.39 -25.46
C VAL A 405 -1.51 25.91 -26.63
N THR A 406 -2.04 26.04 -27.83
CA THR A 406 -1.34 25.57 -29.02
C THR A 406 -1.43 26.69 -30.06
N ASN A 407 -0.29 27.05 -30.66
CA ASN A 407 -0.25 28.18 -31.59
C ASN A 407 -0.80 29.46 -30.98
N GLY A 408 -0.61 29.62 -29.67
CA GLY A 408 -1.06 30.81 -28.98
C GLY A 408 -2.54 30.85 -28.62
N LEU A 409 -3.28 29.80 -28.99
CA LEU A 409 -4.71 29.72 -28.69
C LEU A 409 -5.00 28.69 -27.60
N GLY A 410 -5.73 29.10 -26.57
CA GLY A 410 -6.12 28.16 -25.53
C GLY A 410 -7.26 27.29 -26.02
N ILE A 411 -7.19 25.99 -25.77
N ILE A 411 -7.20 26.02 -25.65
CA ILE A 411 -8.34 25.15 -26.05
CA ILE A 411 -8.19 25.01 -26.05
C ILE A 411 -8.67 24.27 -24.85
C ILE A 411 -8.64 24.23 -24.82
N ASN A 412 -9.96 24.09 -24.64
CA ASN A 412 -10.47 23.33 -23.51
C ASN A 412 -10.55 21.87 -23.91
N VAL A 413 -9.87 21.00 -23.16
CA VAL A 413 -9.79 19.61 -23.57
C VAL A 413 -10.25 18.67 -22.46
N PHE A 414 -10.57 17.44 -22.85
CA PHE A 414 -11.27 16.53 -21.95
C PHE A 414 -11.38 15.17 -22.60
N LYS A 415 -11.64 14.14 -21.79
CA LYS A 415 -12.05 12.85 -22.30
C LYS A 415 -13.53 12.64 -21.98
N ASP A 416 -14.20 11.81 -22.76
CA ASP A 416 -15.62 11.52 -22.50
C ASP A 416 -15.98 10.19 -23.13
N PRO A 417 -15.52 9.09 -22.53
CA PRO A 417 -15.65 7.78 -23.20
C PRO A 417 -17.11 7.40 -23.36
N VAL A 418 -17.48 6.92 -24.54
CA VAL A 418 -18.87 6.65 -24.88
C VAL A 418 -19.53 5.66 -23.93
N ALA A 419 -18.78 4.64 -23.51
CA ALA A 419 -19.34 3.59 -22.69
C ALA A 419 -19.26 3.87 -21.19
N ASP A 420 -18.65 4.99 -20.79
CA ASP A 420 -18.59 5.32 -19.36
C ASP A 420 -18.57 6.81 -19.04
N PRO A 421 -19.76 7.41 -18.94
CA PRO A 421 -19.93 8.82 -18.61
C PRO A 421 -19.30 9.19 -17.27
N ASN A 422 -19.12 8.21 -16.37
CA ASN A 422 -18.49 8.47 -15.08
C ASN A 422 -17.03 8.88 -15.25
N LYS A 423 -16.43 8.56 -16.40
CA LYS A 423 -15.03 8.89 -16.63
C LYS A 423 -14.84 10.20 -17.41
N ARG A 424 -15.92 10.90 -17.68
CA ARG A 424 -15.82 12.20 -18.34
C ARG A 424 -15.01 13.15 -17.46
N SER A 425 -14.10 13.90 -18.06
CA SER A 425 -13.31 14.86 -17.29
C SER A 425 -13.71 16.32 -17.53
N LYS A 426 -13.23 17.22 -16.69
CA LYS A 426 -13.60 18.64 -16.76
C LYS A 426 -12.88 19.41 -17.86
N LYS A 427 -13.48 20.51 -18.32
CA LYS A 427 -12.97 21.26 -19.46
C LYS A 427 -12.40 22.62 -19.09
N GLY A 428 -11.23 22.95 -19.64
CA GLY A 428 -10.65 24.27 -19.50
C GLY A 428 -10.02 24.61 -18.16
N ARG A 429 -9.77 25.90 -17.95
CA ARG A 429 -9.18 26.39 -16.72
C ARG A 429 -10.20 26.31 -15.58
N LEU A 430 -9.77 25.82 -14.41
CA LEU A 430 -10.68 25.54 -13.32
C LEU A 430 -10.42 26.43 -12.12
N SER A 431 -11.45 26.60 -11.30
CA SER A 431 -11.32 27.29 -10.02
C SER A 431 -12.38 26.75 -9.07
N LEU A 432 -12.13 26.87 -7.77
CA LEU A 432 -13.01 26.34 -6.73
C LEU A 432 -13.61 27.49 -5.95
N HIS A 433 -14.92 27.48 -5.75
CA HIS A 433 -15.59 28.60 -5.10
C HIS A 433 -16.62 28.16 -4.07
N ARG A 434 -16.96 29.08 -3.17
CA ARG A 434 -18.12 28.90 -2.30
C ARG A 434 -19.36 29.29 -3.06
N THR A 435 -20.43 28.54 -2.87
CA THR A 435 -21.71 28.87 -3.49
C THR A 435 -22.44 29.85 -2.57
N PRO A 436 -23.54 30.45 -3.05
CA PRO A 436 -24.28 31.38 -2.18
C PRO A 436 -24.78 30.70 -0.91
N ALA A 437 -25.01 29.39 -0.97
CA ALA A 437 -25.50 28.65 0.19
C ALA A 437 -24.37 28.10 1.03
N GLY A 438 -23.13 28.42 0.67
CA GLY A 438 -21.99 28.01 1.46
C GLY A 438 -21.40 26.66 1.12
N ASN A 439 -21.82 26.10 0.00
CA ASN A 439 -21.27 24.83 -0.47
C ASN A 439 -20.11 25.10 -1.42
N PHE A 440 -19.66 24.07 -2.12
CA PHE A 440 -18.56 24.23 -3.07
C PHE A 440 -19.02 24.03 -4.50
N VAL A 441 -18.38 24.74 -5.43
CA VAL A 441 -18.58 24.51 -6.85
C VAL A 441 -17.28 24.70 -7.61
N THR A 442 -17.05 23.86 -8.61
CA THR A 442 -15.89 24.01 -9.47
C THR A 442 -16.36 24.65 -10.76
N LEU A 443 -15.78 25.79 -11.10
CA LEU A 443 -16.11 26.47 -12.35
C LEU A 443 -15.17 26.01 -13.45
N GLU A 444 -15.73 25.67 -14.61
CA GLU A 444 -14.94 25.21 -15.76
C GLU A 444 -14.79 26.30 -16.82
N GLU A 445 -13.96 26.04 -17.83
CA GLU A 445 -13.85 26.89 -19.01
C GLU A 445 -13.45 28.33 -18.68
N GLY A 446 -12.71 28.50 -17.59
CA GLY A 446 -12.18 29.80 -17.21
C GLY A 446 -13.25 30.73 -16.65
N LYS A 447 -14.43 30.18 -16.38
CA LYS A 447 -15.56 30.99 -15.94
C LYS A 447 -15.33 31.70 -14.60
N GLY A 448 -14.38 31.22 -13.81
CA GLY A 448 -14.03 31.89 -12.57
C GLY A 448 -13.57 33.32 -12.80
N ASP A 449 -13.05 33.59 -13.99
CA ASP A 449 -12.56 34.95 -14.34
C ASP A 449 -13.69 35.96 -14.43
N LEU A 450 -14.92 35.47 -14.52
CA LEU A 450 -16.08 36.36 -14.58
C LEU A 450 -16.36 36.97 -13.21
N GLU A 451 -15.77 36.39 -12.18
CA GLU A 451 -15.86 36.91 -10.81
C GLU A 451 -17.31 37.03 -10.30
N GLU A 452 -18.11 36.01 -10.58
CA GLU A 452 -19.49 35.98 -10.13
C GLU A 452 -19.61 35.19 -8.82
N TYR A 453 -18.53 34.51 -8.44
CA TYR A 453 -18.55 33.55 -7.34
C TYR A 453 -17.49 33.79 -6.27
N GLY A 454 -17.09 35.04 -6.05
CA GLY A 454 -16.10 35.31 -5.03
C GLY A 454 -14.76 34.66 -5.33
N GLN A 455 -13.90 34.61 -4.33
CA GLN A 455 -12.50 34.27 -4.56
C GLN A 455 -12.27 32.77 -4.79
N ASP A 456 -11.28 32.48 -5.61
CA ASP A 456 -10.85 31.10 -5.87
C ASP A 456 -10.27 30.56 -4.57
N LEU A 457 -10.70 29.36 -4.20
CA LEU A 457 -10.21 28.74 -2.96
C LEU A 457 -8.90 28.00 -3.16
N LEU A 458 -8.48 27.81 -4.40
CA LEU A 458 -7.15 27.26 -4.67
C LEU A 458 -6.08 28.33 -4.45
N HIS A 459 -5.01 27.97 -3.75
CA HIS A 459 -3.89 28.87 -3.51
C HIS A 459 -2.64 28.30 -4.12
N THR A 460 -1.75 29.15 -4.63
CA THR A 460 -0.46 28.65 -5.09
C THR A 460 0.33 28.07 -3.92
N VAL A 461 0.69 26.79 -4.02
CA VAL A 461 1.47 26.11 -2.98
C VAL A 461 2.87 25.75 -3.46
N PHE A 462 3.09 25.78 -4.78
CA PHE A 462 4.39 25.45 -5.36
C PHE A 462 4.57 26.28 -6.62
N LYS A 463 5.72 26.92 -6.76
CA LYS A 463 6.03 27.63 -7.99
C LYS A 463 7.52 27.66 -8.25
N ASN A 464 7.93 27.18 -9.42
CA ASN A 464 9.32 27.25 -9.86
C ASN A 464 10.31 26.72 -8.82
N GLY A 465 9.96 25.59 -8.21
CA GLY A 465 10.88 24.88 -7.33
C GLY A 465 10.75 25.25 -5.86
N LYS A 466 9.88 26.21 -5.54
CA LYS A 466 9.72 26.65 -4.17
C LYS A 466 8.35 26.31 -3.64
N VAL A 467 8.27 25.90 -2.38
CA VAL A 467 6.99 25.71 -1.71
C VAL A 467 6.56 27.08 -1.19
N THR A 468 5.40 27.55 -1.63
CA THR A 468 5.03 28.96 -1.43
C THR A 468 3.99 29.19 -0.35
N LYS A 469 3.27 28.14 0.02
CA LYS A 469 2.32 28.23 1.12
C LYS A 469 2.30 26.87 1.81
N SER A 470 2.40 26.89 3.15
CA SER A 470 2.45 25.68 3.96
C SER A 470 1.41 25.73 5.07
N TYR A 471 1.00 24.57 5.55
CA TYR A 471 0.04 24.46 6.65
C TYR A 471 0.62 23.62 7.78
N SER A 472 0.36 24.03 9.02
CA SER A 472 0.76 23.21 10.15
C SER A 472 -0.23 22.07 10.32
N PHE A 473 0.17 21.04 11.06
CA PHE A 473 -0.72 19.92 11.32
C PHE A 473 -1.93 20.37 12.17
N ASP A 474 -1.71 21.37 13.03
CA ASP A 474 -2.80 21.93 13.84
C ASP A 474 -3.89 22.57 12.98
N GLU A 475 -3.49 23.33 11.96
CA GLU A 475 -4.42 23.96 11.03
C GLU A 475 -5.19 22.89 10.25
N ILE A 476 -4.48 21.85 9.84
CA ILE A 476 -5.11 20.78 9.09
C ILE A 476 -6.18 20.08 9.93
N ARG A 477 -5.84 19.76 11.18
CA ARG A 477 -6.79 19.18 12.11
C ARG A 477 -8.02 20.08 12.28
N LYS A 478 -7.79 21.39 12.38
CA LYS A 478 -8.90 22.33 12.52
C LYS A 478 -9.82 22.28 11.31
N ASN A 479 -9.24 22.24 10.12
CA ASN A 479 -10.02 22.25 8.90
C ASN A 479 -10.86 20.98 8.75
N ALA A 480 -10.33 19.86 9.27
CA ALA A 480 -10.97 18.56 9.09
C ALA A 480 -11.98 18.18 10.19
N GLN A 481 -12.27 19.10 11.10
CA GLN A 481 -13.22 18.80 12.18
C GLN A 481 -14.59 18.35 11.68
N LEU A 482 -15.25 17.49 12.45
CA LEU A 482 -16.62 17.08 12.13
C LEU A 482 -17.56 18.24 12.46
N ASN A 483 -18.66 18.34 11.73
CA ASN A 483 -19.72 19.29 12.06
C ASN A 483 -20.18 19.12 13.51
N ILE A 484 -20.40 17.87 13.91
CA ILE A 484 -20.86 17.58 15.27
C ILE A 484 -19.86 18.03 16.33
N GLU A 485 -18.57 18.04 15.98
CA GLU A 485 -17.54 18.59 16.84
C GLU A 485 -17.67 20.11 16.90
N LEU A 486 -17.90 20.72 15.74
CA LEU A 486 -18.09 22.17 15.65
C LEU A 486 -19.31 22.61 16.46
N GLU A 487 -20.38 21.82 16.42
CA GLU A 487 -21.61 22.15 17.14
C GLU A 487 -21.52 21.80 18.63
N GLU B 8 16.82 10.45 8.70
CA GLU B 8 17.41 9.12 8.59
C GLU B 8 16.58 8.08 9.33
N PHE B 9 16.52 6.87 8.78
CA PHE B 9 15.78 5.78 9.39
C PHE B 9 16.38 5.39 10.74
N ASN B 10 15.52 5.13 11.71
CA ASN B 10 15.94 4.80 13.06
C ASN B 10 15.18 3.56 13.53
N ILE B 11 15.88 2.42 13.62
CA ILE B 11 15.22 1.15 13.94
C ILE B 11 14.54 1.16 15.31
N LEU B 12 15.00 2.03 16.20
CA LEU B 12 14.38 2.19 17.52
C LEU B 12 13.00 2.86 17.42
N LEU B 13 12.74 3.50 16.28
CA LEU B 13 11.45 4.15 16.04
C LEU B 13 10.62 3.41 14.98
N ALA B 14 11.03 2.20 14.65
CA ALA B 14 10.41 1.44 13.57
C ALA B 14 9.72 0.17 14.09
N THR B 15 9.01 0.32 15.19
CA THR B 15 8.25 -0.81 15.73
C THR B 15 6.87 -0.30 16.18
N ASP B 16 5.94 -1.20 16.43
CA ASP B 16 4.67 -0.83 17.03
C ASP B 16 4.94 -0.27 18.41
N SER B 17 4.29 0.84 18.75
CA SER B 17 4.50 1.49 20.04
C SER B 17 4.51 0.53 21.22
N TYR B 18 3.51 -0.33 21.29
CA TYR B 18 3.40 -1.18 22.48
C TYR B 18 4.62 -2.09 22.70
N LYS B 19 5.37 -2.38 21.65
CA LYS B 19 6.53 -3.25 21.78
C LYS B 19 7.65 -2.60 22.59
N VAL B 20 7.61 -1.28 22.68
CA VAL B 20 8.55 -0.55 23.52
C VAL B 20 8.43 -1.00 24.99
N THR B 21 7.27 -1.51 25.35
CA THR B 21 6.98 -1.87 26.74
C THR B 21 7.10 -3.36 27.03
N HIS B 22 7.44 -4.16 26.02
CA HIS B 22 7.41 -5.62 26.18
C HIS B 22 8.55 -6.20 26.98
N TYR B 23 9.69 -5.50 26.99
CA TYR B 23 10.86 -6.02 27.70
C TYR B 23 10.58 -6.25 29.17
N LYS B 24 9.60 -5.50 29.70
CA LYS B 24 9.18 -5.60 31.09
C LYS B 24 8.18 -6.72 31.35
N GLN B 25 7.69 -7.38 30.30
CA GLN B 25 6.54 -8.27 30.45
C GLN B 25 6.84 -9.76 30.32
N TYR B 26 7.98 -10.10 29.73
CA TYR B 26 8.38 -11.51 29.60
C TYR B 26 8.70 -12.08 30.98
N PRO B 27 8.68 -13.42 31.11
CA PRO B 27 9.02 -14.02 32.40
C PRO B 27 10.41 -13.58 32.86
N PRO B 28 10.59 -13.33 34.16
CA PRO B 28 11.94 -13.00 34.63
C PRO B 28 12.93 -14.09 34.24
N ASN B 29 14.17 -13.69 33.93
CA ASN B 29 15.24 -14.61 33.55
C ASN B 29 14.99 -15.33 32.25
N THR B 30 14.33 -14.64 31.31
CA THR B 30 14.19 -15.17 29.96
C THR B 30 15.43 -14.80 29.16
N SER B 31 16.06 -15.81 28.57
CA SER B 31 17.33 -15.61 27.87
C SER B 31 17.17 -15.74 26.36
N LYS B 32 16.07 -16.34 25.92
CA LYS B 32 15.87 -16.58 24.51
C LYS B 32 14.40 -16.44 24.13
N VAL B 33 14.16 -15.69 23.06
CA VAL B 33 12.84 -15.64 22.44
C VAL B 33 13.04 -16.00 20.97
N TYR B 34 12.31 -17.01 20.51
CA TYR B 34 12.46 -17.56 19.16
C TYR B 34 11.09 -17.47 18.48
N SER B 35 11.05 -16.85 17.31
CA SER B 35 9.80 -16.62 16.60
C SER B 35 9.91 -17.01 15.13
N TYR B 36 8.76 -17.11 14.46
CA TYR B 36 8.76 -17.60 13.07
C TYR B 36 7.67 -16.91 12.26
N PHE B 37 7.82 -16.91 10.94
CA PHE B 37 6.85 -16.32 10.02
C PHE B 37 6.31 -17.40 9.13
N GLU B 38 4.99 -17.40 8.92
CA GLU B 38 4.34 -18.31 7.98
C GLU B 38 3.22 -17.57 7.23
N CYS B 39 2.80 -18.16 6.10
CA CYS B 39 1.55 -17.75 5.45
C CYS B 39 0.53 -18.78 5.91
N ARG B 40 -0.14 -18.47 7.00
CA ARG B 40 -0.90 -19.45 7.76
C ARG B 40 -2.00 -20.08 6.91
N GLU B 41 -2.18 -21.38 7.09
CA GLU B 41 -3.17 -22.12 6.34
C GLU B 41 -4.58 -21.78 6.83
N LYS B 42 -5.53 -21.78 5.92
CA LYS B 42 -6.94 -21.67 6.27
C LYS B 42 -7.58 -23.04 6.40
N VAL B 52 -9.42 -22.55 -1.16
CA VAL B 52 -9.03 -23.29 -2.35
C VAL B 52 -8.09 -22.47 -3.25
N LYS B 53 -8.01 -21.17 -2.95
CA LYS B 53 -7.16 -20.27 -3.73
C LYS B 53 -5.88 -19.99 -2.94
N TYR B 54 -4.80 -19.68 -3.67
CA TYR B 54 -3.49 -19.36 -3.08
C TYR B 54 -2.95 -20.44 -2.17
N GLU B 55 -2.84 -21.63 -2.70
CA GLU B 55 -2.35 -22.78 -1.93
C GLU B 55 -0.84 -22.78 -1.74
N GLU B 56 -0.13 -22.01 -2.56
CA GLU B 56 1.33 -21.94 -2.45
C GLU B 56 1.76 -20.50 -2.59
N THR B 57 2.86 -20.13 -1.94
CA THR B 57 3.31 -18.74 -1.94
C THR B 57 4.74 -18.64 -2.46
N VAL B 58 5.06 -17.50 -3.06
CA VAL B 58 6.42 -17.22 -3.50
C VAL B 58 7.11 -16.45 -2.39
N PHE B 59 8.21 -16.98 -1.85
CA PHE B 59 8.90 -16.25 -0.80
C PHE B 59 9.85 -15.26 -1.42
N TYR B 60 9.56 -13.97 -1.25
CA TYR B 60 10.39 -12.93 -1.86
C TYR B 60 10.32 -11.65 -1.04
N GLY B 61 11.49 -11.02 -0.82
CA GLY B 61 11.52 -9.66 -0.33
C GLY B 61 12.24 -9.43 0.98
N LEU B 62 12.55 -10.52 1.69
CA LEU B 62 13.25 -10.41 2.96
C LEU B 62 14.65 -9.81 2.77
N GLN B 63 15.31 -10.16 1.67
CA GLN B 63 16.67 -9.71 1.39
C GLN B 63 16.73 -8.17 1.33
N TYR B 64 15.71 -7.58 0.74
CA TYR B 64 15.58 -6.12 0.73
C TYR B 64 15.55 -5.56 2.16
N ILE B 65 14.72 -6.15 3.01
CA ILE B 65 14.57 -5.66 4.38
C ILE B 65 15.87 -5.82 5.18
N LEU B 66 16.52 -6.98 5.04
CA LEU B 66 17.76 -7.24 5.77
C LEU B 66 18.81 -6.20 5.42
N ASN B 67 19.00 -5.96 4.13
CA ASN B 67 19.99 -4.98 3.68
C ASN B 67 19.65 -3.52 3.96
N LYS B 68 18.41 -3.12 3.67
CA LYS B 68 18.11 -1.70 3.79
C LYS B 68 18.00 -1.27 5.25
N TYR B 69 17.49 -2.16 6.10
CA TYR B 69 17.09 -1.76 7.45
C TYR B 69 17.81 -2.43 8.63
N LEU B 70 18.27 -3.66 8.46
CA LEU B 70 18.70 -4.43 9.62
C LEU B 70 20.20 -4.63 9.74
N LYS B 71 20.93 -4.55 8.63
CA LYS B 71 22.35 -4.89 8.68
C LYS B 71 23.24 -3.72 9.09
N GLY B 72 24.40 -4.07 9.66
CA GLY B 72 25.40 -3.08 10.02
C GLY B 72 25.10 -2.33 11.30
N LYS B 73 25.71 -1.16 11.45
CA LYS B 73 25.52 -0.38 12.66
C LYS B 73 24.20 0.37 12.58
N VAL B 74 23.18 -0.16 13.25
CA VAL B 74 21.85 0.42 13.14
C VAL B 74 21.48 1.17 14.40
N VAL B 75 22.35 1.09 15.42
CA VAL B 75 22.14 1.80 16.67
C VAL B 75 23.28 2.79 16.86
N THR B 76 22.96 4.05 17.11
CA THR B 76 23.94 5.05 17.49
C THR B 76 23.49 5.75 18.78
N LYS B 77 24.39 6.49 19.43
CA LYS B 77 24.02 7.27 20.61
C LYS B 77 22.91 8.25 20.25
N GLU B 78 23.00 8.85 19.07
CA GLU B 78 22.02 9.85 18.64
C GLU B 78 20.64 9.22 18.45
N LYS B 79 20.61 8.03 17.86
CA LYS B 79 19.34 7.33 17.64
C LYS B 79 18.69 6.92 18.95
N ILE B 80 19.50 6.53 19.92
CA ILE B 80 18.97 6.18 21.23
C ILE B 80 18.34 7.41 21.88
N GLN B 81 19.05 8.53 21.84
CA GLN B 81 18.54 9.76 22.46
C GLN B 81 17.25 10.22 21.76
N GLU B 82 17.22 10.12 20.44
CA GLU B 82 16.03 10.50 19.67
C GLU B 82 14.83 9.68 20.12
N ALA B 83 15.02 8.37 20.21
CA ALA B 83 13.93 7.48 20.61
C ALA B 83 13.45 7.77 22.04
N LYS B 84 14.39 7.99 22.94
CA LYS B 84 14.08 8.32 24.32
C LYS B 84 13.21 9.58 24.37
N ASP B 85 13.60 10.59 23.61
CA ASP B 85 12.87 11.86 23.60
C ASP B 85 11.48 11.72 22.99
N VAL B 86 11.38 10.97 21.91
CA VAL B 86 10.08 10.74 21.28
C VAL B 86 9.14 9.92 22.18
N TYR B 87 9.64 8.83 22.74
CA TYR B 87 8.79 7.94 23.54
C TYR B 87 8.32 8.58 24.84
N LYS B 88 9.15 9.46 25.40
CA LYS B 88 8.74 10.16 26.62
C LYS B 88 7.45 10.94 26.36
N GLU B 89 7.36 11.59 25.20
CA GLU B 89 6.18 12.36 24.86
C GLU B 89 5.04 11.47 24.39
N HIS B 90 5.37 10.43 23.63
CA HIS B 90 4.36 9.56 23.02
C HIS B 90 3.62 8.75 24.08
N PHE B 91 4.33 8.33 25.12
CA PHE B 91 3.73 7.58 26.23
C PHE B 91 3.38 8.47 27.43
N GLN B 92 3.80 9.73 27.38
CA GLN B 92 3.66 10.64 28.53
C GLN B 92 4.28 10.02 29.77
N ASP B 93 5.39 9.32 29.57
CA ASP B 93 6.05 8.58 30.64
C ASP B 93 7.36 8.00 30.15
N ASP B 94 8.20 7.60 31.10
CA ASP B 94 9.49 6.98 30.81
C ASP B 94 9.36 5.47 30.83
N VAL B 95 9.23 4.86 29.66
CA VAL B 95 9.07 3.41 29.59
C VAL B 95 10.09 2.78 28.62
N PHE B 96 10.80 3.63 27.88
CA PHE B 96 11.77 3.17 26.88
C PHE B 96 13.02 2.45 27.46
N ASN B 97 13.40 1.32 26.87
CA ASN B 97 14.54 0.51 27.32
C ASN B 97 15.89 1.08 26.87
N GLU B 98 16.26 2.23 27.40
CA GLU B 98 17.54 2.86 27.05
C GLU B 98 18.74 1.94 27.32
N LYS B 99 18.71 1.24 28.45
CA LYS B 99 19.80 0.34 28.84
C LYS B 99 20.02 -0.79 27.83
N GLY B 100 18.93 -1.41 27.40
CA GLY B 100 19.02 -2.51 26.47
C GLY B 100 19.64 -2.08 25.15
N TRP B 101 19.23 -0.92 24.66
CA TRP B 101 19.77 -0.42 23.41
C TRP B 101 21.23 0.03 23.56
N ASN B 102 21.55 0.62 24.70
CA ASN B 102 22.94 0.98 24.95
C ASN B 102 23.86 -0.24 25.02
N TYR B 103 23.34 -1.33 25.57
CA TYR B 103 24.08 -2.59 25.58
C TYR B 103 24.50 -3.02 24.17
N ILE B 104 23.55 -2.99 23.23
CA ILE B 104 23.84 -3.36 21.85
C ILE B 104 24.87 -2.43 21.22
N LEU B 105 24.73 -1.14 21.53
CA LEU B 105 25.66 -0.15 21.03
C LEU B 105 27.08 -0.42 21.54
N GLU B 106 27.21 -0.62 22.84
CA GLU B 106 28.53 -0.79 23.45
C GLU B 106 29.16 -2.16 23.17
N LYS B 107 28.35 -3.21 23.19
CA LYS B 107 28.87 -4.57 23.08
C LYS B 107 29.13 -5.00 21.63
N TYR B 108 28.26 -4.58 20.72
CA TYR B 108 28.32 -5.07 19.35
C TYR B 108 28.48 -3.96 18.33
N ASP B 109 28.93 -2.80 18.79
CA ASP B 109 29.05 -1.62 17.93
C ASP B 109 27.73 -1.37 17.17
N GLY B 110 26.62 -1.57 17.88
CA GLY B 110 25.30 -1.28 17.31
C GLY B 110 24.81 -2.26 16.26
N HIS B 111 25.46 -3.42 16.16
CA HIS B 111 24.99 -4.49 15.27
C HIS B 111 24.01 -5.36 16.04
N LEU B 112 22.92 -5.77 15.39
CA LEU B 112 21.88 -6.55 16.07
C LEU B 112 22.28 -8.00 16.34
N PRO B 113 22.28 -8.40 17.63
CA PRO B 113 22.60 -9.80 17.93
C PRO B 113 21.38 -10.69 17.70
N ILE B 114 21.11 -10.95 16.42
CA ILE B 114 19.94 -11.66 15.96
C ILE B 114 20.40 -12.67 14.90
N GLU B 115 19.78 -13.85 14.89
N GLU B 115 19.77 -13.84 14.89
CA GLU B 115 20.00 -14.78 13.79
CA GLU B 115 19.98 -14.81 13.82
C GLU B 115 18.67 -15.08 13.11
C GLU B 115 18.66 -15.08 13.12
N ILE B 116 18.66 -14.96 11.79
CA ILE B 116 17.48 -15.23 10.99
C ILE B 116 17.79 -16.35 10.01
N LYS B 117 16.94 -17.37 9.97
CA LYS B 117 17.06 -18.44 8.99
C LYS B 117 15.88 -18.36 8.05
N ALA B 118 16.07 -18.64 6.76
CA ALA B 118 14.98 -18.48 5.81
C ALA B 118 15.03 -19.44 4.62
N VAL B 119 13.86 -19.69 4.03
CA VAL B 119 13.82 -20.44 2.78
C VAL B 119 14.38 -19.55 1.68
N PRO B 120 14.99 -20.16 0.65
CA PRO B 120 15.57 -19.33 -0.43
C PRO B 120 14.54 -18.45 -1.12
N GLU B 121 14.94 -17.23 -1.48
CA GLU B 121 14.04 -16.33 -2.19
C GLU B 121 13.67 -16.91 -3.55
N GLY B 122 12.40 -16.75 -3.91
CA GLY B 122 11.87 -17.28 -5.14
C GLY B 122 11.21 -18.63 -4.92
N PHE B 123 11.50 -19.29 -3.78
CA PHE B 123 10.94 -20.62 -3.54
C PHE B 123 9.43 -20.55 -3.47
N VAL B 124 8.78 -21.56 -4.04
CA VAL B 124 7.34 -21.68 -4.03
C VAL B 124 6.97 -22.75 -3.02
N ILE B 125 6.30 -22.34 -1.94
CA ILE B 125 6.08 -23.21 -0.77
C ILE B 125 4.60 -23.22 -0.41
N PRO B 126 4.03 -24.40 -0.14
CA PRO B 126 2.62 -24.46 0.26
C PRO B 126 2.36 -23.68 1.55
N ARG B 127 1.13 -23.20 1.67
CA ARG B 127 0.70 -22.51 2.90
C ARG B 127 0.98 -23.32 4.16
N GLY B 128 1.20 -22.61 5.26
CA GLY B 128 1.32 -23.24 6.56
C GLY B 128 2.68 -23.83 6.87
N ASN B 129 3.69 -23.36 6.15
CA ASN B 129 5.06 -23.79 6.41
C ASN B 129 5.90 -22.67 6.97
N VAL B 130 6.89 -23.02 7.78
CA VAL B 130 7.84 -22.01 8.25
C VAL B 130 8.61 -21.42 7.07
N LEU B 131 8.64 -20.10 6.98
CA LEU B 131 9.35 -19.43 5.89
C LEU B 131 10.61 -18.74 6.41
N PHE B 132 10.53 -18.16 7.60
CA PHE B 132 11.76 -17.74 8.28
C PHE B 132 11.60 -17.77 9.80
N THR B 133 12.74 -17.85 10.50
CA THR B 133 12.74 -17.85 11.96
C THR B 133 13.71 -16.78 12.44
N VAL B 134 13.43 -16.26 13.64
CA VAL B 134 14.23 -15.20 14.25
C VAL B 134 14.51 -15.55 15.70
N GLU B 135 15.76 -15.42 16.14
CA GLU B 135 16.08 -15.54 17.56
C GLU B 135 17.24 -14.64 17.94
N ASN B 136 17.32 -14.28 19.22
CA ASN B 136 18.44 -13.48 19.70
C ASN B 136 19.64 -14.37 19.96
N THR B 137 20.83 -13.79 19.82
CA THR B 137 22.06 -14.58 19.98
C THR B 137 22.80 -14.22 21.26
N ASP B 138 22.28 -13.23 21.98
CA ASP B 138 22.80 -12.80 23.27
C ASP B 138 21.62 -12.81 24.23
N PRO B 139 21.78 -13.46 25.40
CA PRO B 139 20.70 -13.57 26.40
C PRO B 139 20.15 -12.22 26.84
N GLU B 140 21.00 -11.21 26.87
CA GLU B 140 20.57 -9.87 27.28
C GLU B 140 19.55 -9.27 26.30
N CYS B 141 19.53 -9.80 25.08
CA CYS B 141 18.69 -9.24 24.03
C CYS B 141 17.49 -10.10 23.68
N TYR B 142 16.95 -10.80 24.68
CA TYR B 142 15.73 -11.61 24.53
C TYR B 142 14.56 -10.79 23.96
N TRP B 143 14.55 -9.50 24.28
CA TRP B 143 13.47 -8.58 23.91
C TRP B 143 13.56 -8.15 22.44
N LEU B 144 14.71 -8.39 21.82
CA LEU B 144 14.97 -7.87 20.48
C LEU B 144 14.25 -8.65 19.39
N THR B 145 14.06 -9.95 19.61
CA THR B 145 13.42 -10.82 18.61
C THR B 145 12.09 -10.25 18.17
N ASN B 146 11.24 -9.90 19.12
CA ASN B 146 9.93 -9.40 18.73
C ASN B 146 9.84 -7.88 18.51
N TRP B 147 10.86 -7.15 18.93
CA TRP B 147 10.95 -5.73 18.55
C TRP B 147 10.90 -5.59 17.03
N ILE B 148 11.63 -6.47 16.34
CA ILE B 148 11.71 -6.39 14.88
C ILE B 148 10.63 -7.17 14.15
N GLU B 149 9.62 -7.65 14.89
CA GLU B 149 8.45 -8.24 14.24
C GLU B 149 7.84 -7.30 13.19
N THR B 150 7.59 -6.05 13.58
CA THR B 150 6.83 -5.14 12.72
C THR B 150 7.49 -4.94 11.36
N ILE B 151 8.78 -4.66 11.38
CA ILE B 151 9.52 -4.44 10.14
C ILE B 151 9.64 -5.73 9.30
N LEU B 152 9.83 -6.88 9.94
CA LEU B 152 9.93 -8.13 9.18
C LEU B 152 8.61 -8.58 8.58
N VAL B 153 7.52 -8.31 9.28
CA VAL B 153 6.20 -8.76 8.83
C VAL B 153 5.78 -8.03 7.56
N GLN B 154 6.38 -6.87 7.31
CA GLN B 154 6.14 -6.15 6.05
C GLN B 154 6.60 -6.94 4.83
N SER B 155 7.29 -8.06 5.06
CA SER B 155 7.64 -8.94 3.96
C SER B 155 6.37 -9.53 3.34
N TRP B 156 5.25 -9.44 4.05
CA TRP B 156 3.96 -9.92 3.53
C TRP B 156 3.70 -9.32 2.16
N TYR B 157 4.12 -8.09 1.97
CA TYR B 157 3.73 -7.36 0.77
C TYR B 157 4.43 -7.89 -0.49
N PRO B 158 5.77 -7.94 -0.50
CA PRO B 158 6.40 -8.54 -1.69
C PRO B 158 6.03 -10.01 -1.88
N ILE B 159 5.82 -10.75 -0.80
CA ILE B 159 5.39 -12.13 -0.93
C ILE B 159 4.03 -12.20 -1.63
N THR B 160 3.12 -11.32 -1.21
CA THR B 160 1.76 -11.39 -1.71
C THR B 160 1.67 -10.88 -3.16
N VAL B 161 2.39 -9.80 -3.48
CA VAL B 161 2.41 -9.32 -4.86
C VAL B 161 3.02 -10.41 -5.78
N ALA B 162 4.14 -11.00 -5.36
CA ALA B 162 4.80 -12.02 -6.19
C ALA B 162 3.91 -13.24 -6.38
N THR B 163 3.23 -13.64 -5.32
CA THR B 163 2.33 -14.78 -5.37
C THR B 163 1.12 -14.54 -6.26
N ASN B 164 0.46 -13.40 -6.09
CA ASN B 164 -0.72 -13.07 -6.87
C ASN B 164 -0.37 -12.84 -8.35
N SER B 165 0.79 -12.22 -8.60
CA SER B 165 1.30 -12.08 -9.96
C SER B 165 1.55 -13.45 -10.61
N ARG B 166 2.15 -14.37 -9.86
CA ARG B 166 2.42 -15.71 -10.36
C ARG B 166 1.12 -16.47 -10.64
N GLU B 167 0.10 -16.27 -9.80
CA GLU B 167 -1.19 -16.93 -10.03
C GLU B 167 -1.82 -16.43 -11.32
N GLN B 168 -1.64 -15.16 -11.62
CA GLN B 168 -2.13 -14.65 -12.90
C GLN B 168 -1.35 -15.22 -14.07
N LYS B 169 -0.04 -15.41 -13.89
CA LYS B 169 0.78 -16.04 -14.93
C LYS B 169 0.30 -17.45 -15.22
N LYS B 170 -0.16 -18.18 -14.19
CA LYS B 170 -0.67 -19.54 -14.40
C LYS B 170 -1.91 -19.54 -15.30
N ILE B 171 -2.80 -18.58 -15.06
CA ILE B 171 -4.01 -18.43 -15.86
C ILE B 171 -3.63 -18.11 -17.31
N LEU B 172 -2.72 -17.16 -17.47
CA LEU B 172 -2.33 -16.74 -18.80
C LEU B 172 -1.67 -17.88 -19.55
N ALA B 173 -0.84 -18.64 -18.83
CA ALA B 173 -0.12 -19.77 -19.46
C ALA B 173 -1.11 -20.82 -19.95
N LYS B 174 -2.06 -21.18 -19.10
CA LYS B 174 -3.09 -22.16 -19.45
C LYS B 174 -3.81 -21.77 -20.75
N TYR B 175 -4.30 -20.52 -20.81
CA TYR B 175 -5.07 -20.10 -21.96
C TYR B 175 -4.23 -19.80 -23.21
N LEU B 176 -3.03 -19.26 -23.04
CA LEU B 176 -2.13 -19.09 -24.18
C LEU B 176 -1.74 -20.45 -24.77
N LEU B 177 -1.45 -21.42 -23.91
CA LEU B 177 -1.08 -22.75 -24.39
C LEU B 177 -2.25 -23.37 -25.15
N GLU B 178 -3.44 -23.29 -24.60
N GLU B 178 -3.45 -23.24 -24.60
CA GLU B 178 -4.60 -23.88 -25.24
CA GLU B 178 -4.68 -23.82 -25.15
C GLU B 178 -4.85 -23.23 -26.61
C GLU B 178 -5.16 -23.20 -26.46
N THR B 179 -4.87 -21.91 -26.63
CA THR B 179 -5.27 -21.21 -27.85
C THR B 179 -4.16 -21.05 -28.90
N SER B 180 -2.91 -21.26 -28.54
CA SER B 180 -1.81 -21.03 -29.50
C SER B 180 -0.87 -22.22 -29.64
N GLY B 181 -0.83 -23.08 -28.64
CA GLY B 181 0.03 -24.25 -28.68
C GLY B 181 1.42 -24.05 -28.09
N ASN B 182 1.69 -22.85 -27.62
CA ASN B 182 3.00 -22.59 -27.01
C ASN B 182 2.87 -21.46 -26.00
N LEU B 183 4.00 -21.11 -25.39
CA LEU B 183 4.00 -20.06 -24.36
C LEU B 183 4.78 -18.82 -24.79
N ASP B 184 5.00 -18.67 -26.09
CA ASP B 184 5.74 -17.51 -26.57
C ASP B 184 5.11 -16.20 -26.10
N GLY B 185 5.94 -15.33 -25.51
CA GLY B 185 5.48 -14.03 -25.10
C GLY B 185 4.79 -13.97 -23.75
N LEU B 186 4.67 -15.11 -23.07
CA LEU B 186 3.98 -15.17 -21.78
C LEU B 186 4.49 -14.13 -20.81
N GLU B 187 5.81 -13.94 -20.84
N GLU B 187 5.81 -13.94 -20.82
CA GLU B 187 6.51 -13.09 -19.90
CA GLU B 187 6.45 -13.09 -19.82
C GLU B 187 6.24 -11.62 -20.12
C GLU B 187 6.16 -11.60 -20.08
N TYR B 188 5.51 -11.29 -21.19
CA TYR B 188 5.09 -9.92 -21.46
C TYR B 188 3.57 -9.73 -21.48
N LYS B 189 2.82 -10.68 -20.92
CA LYS B 189 1.37 -10.67 -21.03
C LYS B 189 0.65 -9.93 -19.92
N LEU B 190 1.38 -9.60 -18.85
CA LEU B 190 0.80 -8.84 -17.73
C LEU B 190 1.75 -7.73 -17.34
N HIS B 191 1.40 -6.50 -17.71
CA HIS B 191 2.29 -5.35 -17.57
C HIS B 191 1.88 -4.57 -16.33
N ASP B 192 2.87 -4.11 -15.56
CA ASP B 192 2.60 -3.35 -14.33
C ASP B 192 2.30 -1.87 -14.67
N PHE B 193 1.06 -1.44 -14.38
CA PHE B 193 0.59 -0.06 -14.59
C PHE B 193 0.38 0.63 -13.22
N GLY B 194 0.94 0.07 -12.16
CA GLY B 194 0.52 0.45 -10.81
C GLY B 194 1.23 1.57 -10.08
N TYR B 195 2.13 2.28 -10.74
CA TYR B 195 2.97 3.26 -10.07
C TYR B 195 2.12 4.34 -9.37
N ARG B 196 1.16 4.92 -10.08
CA ARG B 196 0.31 5.98 -9.51
C ARG B 196 -0.67 5.45 -8.48
N GLY B 197 -0.96 4.15 -8.52
CA GLY B 197 -2.02 3.57 -7.72
C GLY B 197 -1.60 2.94 -6.40
N VAL B 198 -0.32 3.03 -6.07
CA VAL B 198 0.16 2.48 -4.81
C VAL B 198 0.30 3.62 -3.81
N SER B 199 0.60 3.26 -2.57
CA SER B 199 0.53 4.22 -1.48
C SER B 199 1.79 5.06 -1.25
N SER B 200 2.91 4.68 -1.87
CA SER B 200 4.13 5.46 -1.74
C SER B 200 5.17 5.09 -2.80
N GLN B 201 6.22 5.91 -2.88
CA GLN B 201 7.34 5.61 -3.76
C GLN B 201 8.03 4.32 -3.33
N GLU B 202 8.17 4.12 -2.03
CA GLU B 202 8.87 2.92 -1.55
C GLU B 202 8.08 1.67 -1.92
N THR B 203 6.76 1.72 -1.68
CA THR B 203 5.89 0.61 -2.06
C THR B 203 5.96 0.34 -3.56
N ALA B 204 5.99 1.41 -4.34
CA ALA B 204 6.10 1.26 -5.80
C ALA B 204 7.29 0.37 -6.18
N GLY B 205 8.47 0.68 -5.64
CA GLY B 205 9.66 -0.09 -5.95
C GLY B 205 9.57 -1.54 -5.49
N ILE B 206 9.13 -1.75 -4.25
CA ILE B 206 9.02 -3.12 -3.73
C ILE B 206 8.04 -3.95 -4.52
N GLY B 207 6.84 -3.41 -4.75
CA GLY B 207 5.80 -4.12 -5.47
C GLY B 207 6.16 -4.39 -6.93
N ALA B 208 6.73 -3.40 -7.61
CA ALA B 208 7.14 -3.60 -9.00
C ALA B 208 8.17 -4.72 -9.07
N SER B 209 9.10 -4.74 -8.11
CA SER B 209 10.14 -5.77 -8.13
C SER B 209 9.53 -7.15 -7.95
N ALA B 210 8.49 -7.24 -7.14
CA ALA B 210 7.85 -8.52 -6.87
C ALA B 210 7.14 -9.06 -8.11
N HIS B 211 6.53 -8.16 -8.86
CA HIS B 211 5.86 -8.55 -10.10
C HIS B 211 6.88 -9.04 -11.10
N LEU B 212 8.07 -8.44 -11.09
CA LEU B 212 9.11 -8.79 -12.05
C LEU B 212 9.73 -10.16 -11.75
N VAL B 213 9.38 -10.76 -10.63
CA VAL B 213 9.78 -12.14 -10.37
C VAL B 213 9.15 -13.05 -11.44
N ASN B 214 8.00 -12.63 -11.97
CA ASN B 214 7.20 -13.46 -12.87
C ASN B 214 7.14 -12.97 -14.30
N PHE B 215 7.23 -11.66 -14.48
CA PHE B 215 7.11 -11.06 -15.80
C PHE B 215 8.24 -10.08 -16.07
N LYS B 216 8.31 -9.59 -17.31
CA LYS B 216 9.37 -8.65 -17.70
C LYS B 216 8.85 -7.27 -18.08
N GLY B 217 7.53 -7.09 -18.10
CA GLY B 217 6.95 -5.81 -18.50
C GLY B 217 6.53 -4.93 -17.34
N THR B 218 7.08 -3.72 -17.28
CA THR B 218 6.69 -2.78 -16.22
C THR B 218 6.80 -1.32 -16.65
N ASP B 219 5.88 -0.49 -16.14
CA ASP B 219 6.00 0.96 -16.28
C ASP B 219 6.37 1.59 -14.93
N THR B 220 6.49 0.74 -13.91
CA THR B 220 6.82 1.24 -12.57
C THR B 220 8.34 1.26 -12.43
N VAL B 221 8.92 2.35 -12.90
CA VAL B 221 10.38 2.46 -13.06
C VAL B 221 11.14 2.22 -11.74
N ALA B 222 10.50 2.57 -10.63
CA ALA B 222 11.10 2.41 -9.30
C ALA B 222 11.60 0.99 -9.02
N GLY B 223 10.96 0.00 -9.64
CA GLY B 223 11.38 -1.39 -9.41
C GLY B 223 12.77 -1.72 -9.95
N LEU B 224 13.17 -1.04 -11.02
CA LEU B 224 14.44 -1.35 -11.65
C LEU B 224 15.63 -1.09 -10.70
N ALA B 225 15.66 0.09 -10.07
CA ALA B 225 16.78 0.44 -9.19
C ALA B 225 16.83 -0.42 -7.93
N LEU B 226 15.66 -0.79 -7.41
CA LEU B 226 15.61 -1.65 -6.24
C LEU B 226 16.28 -2.99 -6.55
N ILE B 227 15.88 -3.61 -7.65
CA ILE B 227 16.46 -4.88 -8.07
C ILE B 227 17.97 -4.75 -8.27
N LYS B 228 18.40 -3.69 -8.94
CA LYS B 228 19.82 -3.52 -9.23
C LYS B 228 20.63 -3.41 -7.94
N LYS B 229 20.09 -2.68 -6.97
CA LYS B 229 20.79 -2.42 -5.71
C LYS B 229 20.82 -3.62 -4.76
N TYR B 230 19.71 -4.34 -4.66
CA TYR B 230 19.56 -5.37 -3.64
C TYR B 230 19.63 -6.81 -4.11
N TYR B 231 19.46 -7.05 -5.41
CA TYR B 231 19.38 -8.41 -5.92
C TYR B 231 20.34 -8.67 -7.07
N GLY B 232 20.21 -7.89 -8.14
CA GLY B 232 21.08 -7.99 -9.29
C GLY B 232 20.60 -8.91 -10.41
N THR B 233 20.86 -8.49 -11.65
CA THR B 233 20.59 -9.33 -12.81
C THR B 233 21.79 -9.30 -13.74
N LYS B 234 21.99 -10.38 -14.48
CA LYS B 234 23.02 -10.42 -15.51
C LYS B 234 22.73 -9.36 -16.57
N ASP B 235 21.47 -9.31 -17.01
CA ASP B 235 21.01 -8.27 -17.93
C ASP B 235 21.11 -6.88 -17.32
N PRO B 236 21.30 -5.85 -18.16
CA PRO B 236 21.33 -4.47 -17.67
C PRO B 236 20.10 -4.08 -16.84
N VAL B 237 18.90 -4.45 -17.31
CA VAL B 237 17.68 -4.18 -16.54
C VAL B 237 16.76 -5.40 -16.48
N PRO B 238 15.96 -5.49 -15.40
CA PRO B 238 15.07 -6.64 -15.23
C PRO B 238 13.73 -6.48 -15.95
N GLY B 239 13.39 -5.26 -16.36
CA GLY B 239 12.07 -5.02 -16.92
C GLY B 239 12.09 -3.99 -18.03
N TYR B 240 11.05 -4.03 -18.86
CA TYR B 240 11.05 -3.30 -20.13
C TYR B 240 9.70 -2.65 -20.42
N SER B 241 9.71 -1.63 -21.28
CA SER B 241 8.46 -1.05 -21.78
C SER B 241 8.62 -0.57 -23.21
N VAL B 242 7.56 0.01 -23.77
CA VAL B 242 7.55 0.52 -25.14
C VAL B 242 6.81 1.85 -25.14
N PRO B 243 7.02 2.67 -26.17
CA PRO B 243 6.32 3.96 -26.22
C PRO B 243 4.81 3.79 -26.28
N ALA B 244 4.09 4.75 -25.73
CA ALA B 244 2.64 4.67 -25.71
C ALA B 244 2.03 6.02 -25.38
N ALA B 245 0.80 6.22 -25.83
CA ALA B 245 0.08 7.45 -25.56
C ALA B 245 -0.66 7.37 -24.23
N GLU B 246 -0.99 8.53 -23.68
CA GLU B 246 -1.99 8.60 -22.63
C GLU B 246 -3.13 9.46 -23.13
N HIS B 247 -4.21 9.58 -22.36
CA HIS B 247 -5.34 10.36 -22.85
C HIS B 247 -4.93 11.80 -23.16
N SER B 248 -4.03 12.37 -22.36
CA SER B 248 -3.66 13.78 -22.58
C SER B 248 -2.98 14.03 -23.92
N THR B 249 -2.22 13.06 -24.42
CA THR B 249 -1.54 13.26 -25.72
C THR B 249 -2.48 13.05 -26.90
N ILE B 250 -3.68 12.51 -26.63
CA ILE B 250 -4.73 12.46 -27.63
C ILE B 250 -5.67 13.67 -27.50
N THR B 251 -6.21 13.88 -26.30
CA THR B 251 -7.20 14.93 -26.12
C THR B 251 -6.63 16.35 -26.31
N ALA B 252 -5.33 16.52 -26.13
CA ALA B 252 -4.73 17.83 -26.31
C ALA B 252 -4.89 18.36 -27.73
N TRP B 253 -5.08 17.46 -28.68
CA TRP B 253 -5.25 17.85 -30.09
C TRP B 253 -6.63 18.46 -30.36
N GLY B 254 -7.53 18.32 -29.40
CA GLY B 254 -8.91 18.79 -29.55
C GLY B 254 -9.81 17.66 -30.02
N LYS B 255 -11.09 17.75 -29.63
CA LYS B 255 -12.06 16.69 -29.88
C LYS B 255 -12.24 16.31 -31.35
N ASP B 256 -12.05 17.28 -32.24
CA ASP B 256 -12.24 17.04 -33.67
C ASP B 256 -10.98 16.52 -34.37
N HIS B 257 -9.92 16.29 -33.59
CA HIS B 257 -8.63 15.97 -34.19
C HIS B 257 -8.01 14.71 -33.61
N GLU B 258 -8.86 13.76 -33.20
CA GLU B 258 -8.37 12.48 -32.69
C GLU B 258 -7.55 11.75 -33.76
N LYS B 259 -8.03 11.79 -35.00
CA LYS B 259 -7.32 11.15 -36.10
C LYS B 259 -5.93 11.75 -36.31
N ASP B 260 -5.84 13.07 -36.21
CA ASP B 260 -4.55 13.76 -36.35
C ASP B 260 -3.57 13.31 -35.29
N ALA B 261 -4.05 13.13 -34.06
CA ALA B 261 -3.23 12.68 -32.95
C ALA B 261 -2.69 11.29 -33.21
N PHE B 262 -3.60 10.38 -33.56
CA PHE B 262 -3.23 9.00 -33.86
C PHE B 262 -2.17 8.96 -34.96
N GLU B 263 -2.37 9.75 -36.01
CA GLU B 263 -1.46 9.71 -37.15
C GLU B 263 -0.08 10.20 -36.74
N HIS B 264 -0.06 11.28 -35.96
CA HIS B 264 1.19 11.86 -35.48
C HIS B 264 1.95 10.86 -34.63
N ILE B 265 1.24 10.25 -33.69
CA ILE B 265 1.89 9.32 -32.76
C ILE B 265 2.46 8.07 -33.44
N VAL B 266 1.68 7.41 -34.29
CA VAL B 266 2.19 6.20 -34.94
C VAL B 266 3.30 6.50 -35.96
N THR B 267 3.32 7.73 -36.47
CA THR B 267 4.37 8.17 -37.40
C THR B 267 5.66 8.50 -36.64
N GLN B 268 5.52 9.11 -35.46
CA GLN B 268 6.67 9.35 -34.57
C GLN B 268 7.32 8.04 -34.11
N PHE B 269 6.49 7.02 -33.90
CA PHE B 269 6.98 5.73 -33.45
C PHE B 269 6.65 4.68 -34.51
N SER B 270 7.25 4.85 -35.68
CA SER B 270 6.90 4.03 -36.85
C SER B 270 7.63 2.69 -36.88
N SER B 271 8.73 2.58 -36.15
CA SER B 271 9.57 1.38 -36.23
C SER B 271 9.79 0.69 -34.88
N VAL B 272 9.03 1.08 -33.87
CA VAL B 272 9.05 0.38 -32.59
C VAL B 272 7.59 0.09 -32.23
N PRO B 273 7.34 -0.84 -31.29
CA PRO B 273 5.93 -1.05 -30.91
C PRO B 273 5.39 0.24 -30.29
N VAL B 274 4.10 0.52 -30.50
CA VAL B 274 3.51 1.68 -29.85
C VAL B 274 2.08 1.36 -29.46
N SER B 275 1.71 1.71 -28.25
CA SER B 275 0.34 1.51 -27.79
C SER B 275 -0.38 2.83 -27.82
N VAL B 276 -1.62 2.84 -28.31
CA VAL B 276 -2.36 4.09 -28.39
C VAL B 276 -3.74 3.92 -27.77
N VAL B 277 -3.98 4.63 -26.67
CA VAL B 277 -5.28 4.60 -26.02
C VAL B 277 -6.34 5.18 -26.98
N SER B 278 -7.42 4.42 -27.19
CA SER B 278 -8.33 4.73 -28.29
C SER B 278 -9.77 5.00 -27.86
N ASP B 279 -9.98 5.21 -26.56
CA ASP B 279 -11.34 5.36 -26.04
C ASP B 279 -11.67 6.76 -25.54
N SER B 280 -10.84 7.74 -25.88
CA SER B 280 -11.08 9.13 -25.41
C SER B 280 -12.52 9.60 -25.65
N TYR B 281 -13.07 9.26 -26.80
CA TYR B 281 -14.42 9.69 -27.13
C TYR B 281 -15.33 8.53 -27.52
N ASP B 282 -14.86 7.67 -28.40
CA ASP B 282 -15.66 6.53 -28.86
C ASP B 282 -14.72 5.45 -29.37
N ILE B 283 -14.46 4.47 -28.50
CA ILE B 283 -13.55 3.38 -28.82
C ILE B 283 -13.95 2.61 -30.07
N TYR B 284 -15.25 2.42 -30.28
CA TYR B 284 -15.70 1.58 -31.38
C TYR B 284 -15.51 2.31 -32.70
N ASN B 285 -15.77 3.61 -32.68
CA ASN B 285 -15.50 4.48 -33.83
C ASN B 285 -14.02 4.55 -34.13
N ALA B 286 -13.23 4.70 -33.07
CA ALA B 286 -11.78 4.80 -33.24
C ALA B 286 -11.29 3.52 -33.92
N CYS B 287 -11.77 2.37 -33.47
CA CYS B 287 -11.32 1.12 -34.04
C CYS B 287 -11.82 0.90 -35.47
N GLU B 288 -13.08 1.17 -35.70
CA GLU B 288 -13.68 0.79 -36.97
C GLU B 288 -13.41 1.82 -38.06
N LYS B 289 -13.49 3.09 -37.71
CA LYS B 289 -13.38 4.16 -38.71
C LYS B 289 -12.01 4.82 -38.77
N ILE B 290 -11.41 5.12 -37.61
CA ILE B 290 -10.12 5.81 -37.66
C ILE B 290 -8.99 4.82 -37.96
N TRP B 291 -8.79 3.84 -37.08
CA TRP B 291 -7.77 2.82 -37.35
C TRP B 291 -8.16 1.94 -38.53
N GLY B 292 -9.43 1.57 -38.60
CA GLY B 292 -9.88 0.55 -39.54
C GLY B 292 -10.06 1.04 -40.96
N GLU B 293 -10.14 2.35 -41.13
CA GLU B 293 -10.34 2.94 -42.46
C GLU B 293 -9.39 4.11 -42.75
N ASP B 294 -9.55 5.22 -42.04
CA ASP B 294 -8.79 6.45 -42.32
C ASP B 294 -7.27 6.26 -42.26
N LEU B 295 -6.81 5.52 -41.26
CA LEU B 295 -5.37 5.37 -41.02
C LEU B 295 -4.88 3.94 -41.25
N ARG B 296 -5.74 3.10 -41.81
CA ARG B 296 -5.42 1.69 -42.03
C ARG B 296 -4.10 1.51 -42.78
N HIS B 297 -3.83 2.40 -43.73
CA HIS B 297 -2.64 2.30 -44.56
C HIS B 297 -1.36 2.50 -43.74
N LEU B 298 -1.49 3.19 -42.60
CA LEU B 298 -0.34 3.41 -41.72
C LEU B 298 -0.14 2.25 -40.76
N ILE B 299 -1.11 1.36 -40.68
CA ILE B 299 -1.03 0.23 -39.78
C ILE B 299 -0.54 -1.01 -40.51
N VAL B 300 -1.10 -1.29 -41.68
CA VAL B 300 -0.76 -2.53 -42.40
C VAL B 300 0.66 -2.53 -42.97
N SER B 301 1.30 -1.37 -42.92
CA SER B 301 2.68 -1.23 -43.41
C SER B 301 3.74 -1.47 -42.33
N ARG B 302 3.31 -1.65 -41.08
CA ARG B 302 4.25 -1.77 -39.97
C ARG B 302 4.91 -3.16 -39.84
N SER B 303 6.08 -3.17 -39.24
CA SER B 303 6.84 -4.38 -38.99
C SER B 303 6.24 -5.25 -37.87
N THR B 304 6.43 -6.55 -37.99
CA THR B 304 6.04 -7.51 -36.96
C THR B 304 6.72 -7.18 -35.63
N GLN B 305 7.87 -6.53 -35.72
CA GLN B 305 8.60 -6.12 -34.53
C GLN B 305 8.10 -4.77 -34.04
N ALA B 306 7.20 -4.15 -34.78
CA ALA B 306 6.69 -2.81 -34.40
C ALA B 306 5.17 -2.67 -34.51
N PRO B 307 4.42 -3.54 -33.83
CA PRO B 307 2.97 -3.48 -34.02
C PRO B 307 2.36 -2.22 -33.41
N LEU B 308 1.19 -1.83 -33.92
CA LEU B 308 0.30 -0.95 -33.18
C LEU B 308 -0.43 -1.77 -32.14
N ILE B 309 -0.43 -1.30 -30.91
CA ILE B 309 -1.19 -1.98 -29.88
C ILE B 309 -2.33 -1.06 -29.47
N ILE B 310 -3.56 -1.45 -29.82
CA ILE B 310 -4.73 -0.63 -29.52
C ILE B 310 -5.15 -0.84 -28.07
N ARG B 311 -5.39 0.24 -27.35
CA ARG B 311 -5.73 0.18 -25.93
C ARG B 311 -7.11 0.73 -25.63
N PRO B 312 -8.10 -0.15 -25.44
CA PRO B 312 -9.37 0.32 -24.86
C PRO B 312 -9.13 0.57 -23.35
N ASP B 313 -9.97 1.37 -22.71
CA ASP B 313 -9.71 1.75 -21.32
C ASP B 313 -10.98 2.07 -20.54
N SER B 314 -12.11 1.58 -21.01
CA SER B 314 -13.39 1.86 -20.35
C SER B 314 -14.47 0.90 -20.84
N GLY B 315 -15.58 0.86 -20.11
CA GLY B 315 -16.65 -0.09 -20.40
C GLY B 315 -16.41 -1.40 -19.67
N ASN B 316 -17.34 -2.34 -19.81
CA ASN B 316 -17.14 -3.68 -19.26
C ASN B 316 -15.92 -4.30 -19.93
N PRO B 317 -14.92 -4.72 -19.13
CA PRO B 317 -13.67 -5.22 -19.72
C PRO B 317 -13.87 -6.35 -20.73
N LEU B 318 -14.58 -7.42 -20.37
CA LEU B 318 -14.78 -8.51 -21.32
C LEU B 318 -15.56 -8.08 -22.57
N ASP B 319 -16.72 -7.43 -22.36
CA ASP B 319 -17.54 -7.02 -23.51
C ASP B 319 -16.78 -6.09 -24.45
N THR B 320 -15.99 -5.20 -23.88
CA THR B 320 -15.24 -4.25 -24.69
C THR B 320 -14.12 -4.90 -25.47
N VAL B 321 -13.36 -5.77 -24.82
CA VAL B 321 -12.33 -6.55 -25.52
C VAL B 321 -12.92 -7.36 -26.69
N LEU B 322 -14.04 -8.04 -26.43
CA LEU B 322 -14.64 -8.86 -27.49
C LEU B 322 -15.13 -8.04 -28.66
N LYS B 323 -15.72 -6.89 -28.36
N LYS B 323 -15.70 -6.88 -28.36
CA LYS B 323 -16.22 -6.01 -29.41
CA LYS B 323 -16.23 -6.01 -29.41
C LYS B 323 -15.08 -5.39 -30.21
C LYS B 323 -15.09 -5.36 -30.20
N VAL B 324 -14.03 -4.97 -29.51
CA VAL B 324 -12.84 -4.42 -30.18
C VAL B 324 -12.23 -5.47 -31.12
N LEU B 325 -12.09 -6.70 -30.64
CA LEU B 325 -11.58 -7.77 -31.50
C LEU B 325 -12.48 -8.04 -32.71
N GLU B 326 -13.81 -8.08 -32.49
CA GLU B 326 -14.72 -8.28 -33.61
C GLU B 326 -14.60 -7.17 -34.65
N ILE B 327 -14.51 -5.93 -34.19
CA ILE B 327 -14.33 -4.81 -35.12
C ILE B 327 -13.03 -4.94 -35.93
N LEU B 328 -11.93 -5.23 -35.24
CA LEU B 328 -10.64 -5.30 -35.92
C LEU B 328 -10.60 -6.48 -36.87
N GLY B 329 -11.27 -7.56 -36.51
CA GLY B 329 -11.27 -8.77 -37.33
C GLY B 329 -11.98 -8.58 -38.64
N LYS B 330 -12.84 -7.57 -38.70
CA LYS B 330 -13.57 -7.28 -39.93
C LYS B 330 -12.90 -6.20 -40.77
N LYS B 331 -11.94 -5.50 -40.17
CA LYS B 331 -11.23 -4.44 -40.91
C LYS B 331 -9.82 -4.85 -41.33
N PHE B 332 -9.29 -5.87 -40.67
CA PHE B 332 -7.93 -6.33 -40.91
C PHE B 332 -7.93 -7.81 -41.27
N PRO B 333 -6.90 -8.27 -41.98
CA PRO B 333 -6.89 -9.68 -42.39
C PRO B 333 -6.58 -10.62 -41.23
N VAL B 334 -7.58 -11.37 -40.80
CA VAL B 334 -7.41 -12.30 -39.70
C VAL B 334 -7.08 -13.68 -40.23
N THR B 335 -6.19 -14.37 -39.54
CA THR B 335 -5.85 -15.74 -39.86
C THR B 335 -6.40 -16.70 -38.81
N GLU B 336 -6.31 -17.99 -39.11
CA GLU B 336 -6.67 -18.98 -38.12
C GLU B 336 -5.41 -19.78 -37.81
N ASN B 337 -4.99 -19.79 -36.55
CA ASN B 337 -3.76 -20.48 -36.19
C ASN B 337 -3.94 -22.00 -36.17
N SER B 338 -2.86 -22.72 -35.87
CA SER B 338 -2.90 -24.17 -35.95
C SER B 338 -3.85 -24.82 -34.94
N LYS B 339 -4.26 -24.07 -33.91
CA LYS B 339 -5.19 -24.58 -32.92
C LYS B 339 -6.64 -24.27 -33.26
N GLY B 340 -6.85 -23.54 -34.35
CA GLY B 340 -8.19 -23.19 -34.81
C GLY B 340 -8.70 -21.88 -34.24
N TYR B 341 -7.82 -21.08 -33.64
CA TYR B 341 -8.21 -19.79 -33.07
C TYR B 341 -7.83 -18.62 -33.95
N LYS B 342 -8.61 -17.54 -33.85
CA LYS B 342 -8.41 -16.38 -34.70
C LYS B 342 -7.24 -15.54 -34.22
N LEU B 343 -6.46 -15.05 -35.18
CA LEU B 343 -5.25 -14.29 -34.90
C LEU B 343 -5.20 -13.03 -35.76
N LEU B 344 -5.10 -11.87 -35.11
CA LEU B 344 -4.91 -10.61 -35.83
C LEU B 344 -3.57 -10.65 -36.59
N PRO B 345 -3.44 -9.83 -37.64
CA PRO B 345 -2.13 -9.80 -38.31
C PRO B 345 -1.03 -9.30 -37.35
N PRO B 346 0.23 -9.63 -37.62
CA PRO B 346 1.27 -9.43 -36.61
C PRO B 346 1.60 -7.96 -36.30
N TYR B 347 1.14 -7.03 -37.13
CA TYR B 347 1.36 -5.61 -36.92
C TYR B 347 0.28 -5.00 -36.03
N LEU B 348 -0.64 -5.82 -35.53
CA LEU B 348 -1.76 -5.30 -34.73
C LEU B 348 -2.07 -6.15 -33.50
N ARG B 349 -2.11 -5.51 -32.32
CA ARG B 349 -2.39 -6.22 -31.08
C ARG B 349 -3.29 -5.35 -30.20
N VAL B 350 -3.76 -5.90 -29.09
CA VAL B 350 -4.61 -5.15 -28.16
C VAL B 350 -4.03 -5.24 -26.76
N ILE B 351 -4.18 -4.17 -25.98
CA ILE B 351 -3.91 -4.29 -24.55
C ILE B 351 -5.09 -3.79 -23.75
N GLN B 352 -5.58 -4.64 -22.83
CA GLN B 352 -6.63 -4.18 -21.91
C GLN B 352 -6.00 -3.85 -20.57
N GLY B 353 -6.05 -2.58 -20.20
CA GLY B 353 -5.43 -2.15 -18.96
C GLY B 353 -6.37 -1.38 -18.06
N ASP B 354 -7.66 -1.67 -18.14
CA ASP B 354 -8.65 -1.08 -17.23
C ASP B 354 -9.40 -2.20 -16.50
N GLY B 355 -9.56 -2.05 -15.18
CA GLY B 355 -10.36 -2.98 -14.40
C GLY B 355 -9.79 -4.39 -14.32
N VAL B 356 -8.49 -4.52 -14.52
CA VAL B 356 -7.87 -5.84 -14.52
C VAL B 356 -7.34 -6.24 -13.14
N ASP B 357 -7.88 -7.34 -12.62
CA ASP B 357 -7.31 -8.04 -11.47
C ASP B 357 -7.35 -9.54 -11.76
N ILE B 358 -6.96 -10.38 -10.82
CA ILE B 358 -6.87 -11.80 -11.11
C ILE B 358 -8.22 -12.38 -11.54
N ASN B 359 -9.32 -11.86 -10.99
CA ASN B 359 -10.64 -12.36 -11.35
C ASN B 359 -11.10 -11.94 -12.73
N THR B 360 -10.92 -10.66 -13.06
CA THR B 360 -11.39 -10.20 -14.36
C THR B 360 -10.47 -10.69 -15.47
N LEU B 361 -9.19 -10.91 -15.15
CA LEU B 361 -8.26 -11.50 -16.10
C LEU B 361 -8.77 -12.86 -16.56
N GLN B 362 -9.14 -13.69 -15.58
CA GLN B 362 -9.72 -15.00 -15.84
C GLN B 362 -10.98 -14.90 -16.71
N GLU B 363 -11.86 -13.95 -16.39
CA GLU B 363 -13.10 -13.78 -17.15
C GLU B 363 -12.81 -13.42 -18.60
N ILE B 364 -11.82 -12.55 -18.81
CA ILE B 364 -11.54 -12.07 -20.16
C ILE B 364 -10.94 -13.19 -21.02
N VAL B 365 -9.94 -13.90 -20.50
CA VAL B 365 -9.31 -14.93 -21.33
C VAL B 365 -10.27 -16.09 -21.63
N GLU B 366 -11.14 -16.43 -20.68
CA GLU B 366 -12.13 -17.46 -20.91
C GLU B 366 -13.17 -17.01 -21.95
N GLY B 367 -13.56 -15.75 -21.89
CA GLY B 367 -14.50 -15.21 -22.86
C GLY B 367 -13.90 -15.17 -24.26
N MET B 368 -12.63 -14.78 -24.36
CA MET B 368 -11.94 -14.82 -25.64
C MET B 368 -11.91 -16.24 -26.19
N LYS B 369 -11.57 -17.20 -25.34
CA LYS B 369 -11.50 -18.60 -25.76
C LYS B 369 -12.85 -19.07 -26.29
N GLN B 370 -13.93 -18.71 -25.60
CA GLN B 370 -15.27 -19.11 -26.02
C GLN B 370 -15.64 -18.50 -27.38
N LYS B 371 -15.08 -17.32 -27.67
CA LYS B 371 -15.33 -16.66 -28.95
C LYS B 371 -14.26 -16.97 -30.00
N MET B 372 -13.39 -17.92 -29.69
CA MET B 372 -12.38 -18.43 -30.62
C MET B 372 -11.29 -17.42 -30.99
N TRP B 373 -10.98 -16.53 -30.04
CA TRP B 373 -9.88 -15.59 -30.21
C TRP B 373 -8.66 -16.08 -29.45
N SER B 374 -7.51 -16.16 -30.13
CA SER B 374 -6.27 -16.55 -29.46
C SER B 374 -5.82 -15.54 -28.43
N ILE B 375 -5.25 -16.02 -27.33
CA ILE B 375 -4.67 -15.13 -26.33
C ILE B 375 -3.41 -14.44 -26.86
N GLU B 376 -2.88 -14.91 -28.00
CA GLU B 376 -1.78 -14.22 -28.67
C GLU B 376 -2.13 -12.77 -28.98
N ASN B 377 -3.41 -12.51 -29.18
CA ASN B 377 -3.86 -11.18 -29.62
C ASN B 377 -3.76 -10.09 -28.58
N ILE B 378 -3.66 -10.50 -27.31
CA ILE B 378 -3.93 -9.57 -26.22
C ILE B 378 -2.83 -9.58 -25.17
N ALA B 379 -2.64 -8.44 -24.52
CA ALA B 379 -1.85 -8.36 -23.30
C ALA B 379 -2.71 -7.62 -22.30
N PHE B 380 -2.31 -7.68 -21.03
CA PHE B 380 -3.06 -7.02 -19.98
C PHE B 380 -2.17 -6.06 -19.22
N GLY B 381 -2.74 -4.93 -18.81
CA GLY B 381 -2.07 -4.03 -17.88
C GLY B 381 -2.85 -4.08 -16.58
N SER B 382 -2.16 -4.03 -15.45
CA SER B 382 -2.85 -4.01 -14.17
C SER B 382 -2.11 -3.09 -13.24
N GLY B 383 -2.86 -2.27 -12.51
CA GLY B 383 -2.27 -1.27 -11.65
C GLY B 383 -2.61 -1.52 -10.19
N GLY B 384 -3.69 -0.90 -9.74
CA GLY B 384 -4.14 -1.11 -8.38
C GLY B 384 -4.40 -2.58 -8.07
N GLY B 385 -4.95 -3.28 -9.05
CA GLY B 385 -5.21 -4.70 -8.90
C GLY B 385 -3.95 -5.51 -8.61
N LEU B 386 -2.85 -5.11 -9.24
CA LEU B 386 -1.59 -5.84 -9.16
C LEU B 386 -0.78 -5.50 -7.91
N LEU B 387 -0.80 -4.21 -7.53
CA LEU B 387 0.14 -3.70 -6.53
C LEU B 387 -0.48 -3.13 -5.25
N GLN B 388 -1.77 -2.79 -5.27
CA GLN B 388 -2.37 -2.11 -4.14
C GLN B 388 -3.51 -2.87 -3.47
N LYS B 389 -4.33 -3.54 -4.27
CA LYS B 389 -5.52 -4.20 -3.76
C LYS B 389 -5.18 -5.57 -3.18
N LEU B 390 -4.32 -5.55 -2.17
CA LEU B 390 -3.83 -6.75 -1.53
C LEU B 390 -3.65 -6.43 -0.06
N THR B 391 -3.88 -7.40 0.82
CA THR B 391 -3.66 -7.19 2.25
C THR B 391 -2.96 -8.40 2.86
N ARG B 392 -2.57 -8.25 4.10
CA ARG B 392 -1.87 -9.30 4.84
C ARG B 392 -2.81 -10.50 5.10
N ASP B 393 -4.12 -10.28 4.97
CA ASP B 393 -5.10 -11.36 5.13
C ASP B 393 -5.17 -12.33 3.96
N LEU B 394 -4.71 -11.93 2.78
CA LEU B 394 -4.84 -12.79 1.62
C LEU B 394 -4.13 -14.12 1.82
N LEU B 395 -2.91 -14.07 2.33
CA LEU B 395 -2.15 -15.30 2.59
C LEU B 395 -1.95 -15.56 4.08
N ASN B 396 -2.58 -14.74 4.91
CA ASN B 396 -2.45 -14.84 6.36
C ASN B 396 -1.01 -14.83 6.84
N CYS B 397 -0.26 -13.83 6.40
CA CYS B 397 1.15 -13.66 6.75
C CYS B 397 1.29 -13.19 8.19
N SER B 398 2.01 -13.97 9.00
CA SER B 398 1.95 -13.79 10.45
C SER B 398 3.25 -14.22 11.11
N PHE B 399 3.62 -13.53 12.19
CA PHE B 399 4.86 -13.75 12.93
C PHE B 399 4.47 -14.07 14.36
N LYS B 400 5.01 -15.16 14.90
CA LYS B 400 4.62 -15.61 16.24
C LYS B 400 5.81 -16.19 16.99
N CYS B 401 5.80 -16.04 18.31
CA CYS B 401 6.78 -16.69 19.15
C CYS B 401 6.42 -18.15 19.35
N SER B 402 7.37 -19.06 19.13
CA SER B 402 7.14 -20.50 19.33
C SER B 402 8.01 -21.17 20.41
N TYR B 403 9.06 -20.49 20.86
CA TYR B 403 10.00 -21.13 21.77
C TYR B 403 10.68 -20.07 22.61
N VAL B 404 10.76 -20.29 23.92
CA VAL B 404 11.49 -19.41 24.81
C VAL B 404 12.35 -20.23 25.76
N VAL B 405 13.40 -19.63 26.28
CA VAL B 405 14.19 -20.23 27.34
C VAL B 405 14.11 -19.32 28.56
N THR B 406 13.64 -19.86 29.67
CA THR B 406 13.52 -19.09 30.90
C THR B 406 14.09 -19.96 32.02
N ASN B 407 14.98 -19.38 32.84
CA ASN B 407 15.67 -20.12 33.89
C ASN B 407 16.40 -21.34 33.34
N GLY B 408 16.93 -21.20 32.12
CA GLY B 408 17.71 -22.26 31.49
C GLY B 408 16.88 -23.39 30.91
N LEU B 409 15.56 -23.23 30.95
CA LEU B 409 14.64 -24.29 30.51
C LEU B 409 13.90 -23.83 29.26
N GLY B 410 14.01 -24.62 28.19
CA GLY B 410 13.30 -24.32 26.96
C GLY B 410 11.86 -24.74 27.06
N ILE B 411 10.95 -23.89 26.57
CA ILE B 411 9.52 -24.16 26.63
C ILE B 411 8.91 -23.93 25.25
N ASN B 412 8.10 -24.87 24.79
CA ASN B 412 7.36 -24.70 23.53
C ASN B 412 6.11 -23.89 23.79
N VAL B 413 5.96 -22.77 23.07
CA VAL B 413 4.86 -21.85 23.34
C VAL B 413 4.07 -21.56 22.08
N PHE B 414 2.83 -21.09 22.25
CA PHE B 414 1.92 -20.97 21.12
C PHE B 414 0.64 -20.29 21.59
N LYS B 415 -0.13 -19.77 20.63
CA LYS B 415 -1.50 -19.36 20.91
C LYS B 415 -2.46 -20.36 20.29
N ASP B 416 -3.67 -20.47 20.83
CA ASP B 416 -4.67 -21.39 20.29
C ASP B 416 -6.06 -20.90 20.70
N PRO B 417 -6.52 -19.78 20.11
CA PRO B 417 -7.78 -19.16 20.54
C PRO B 417 -8.97 -20.09 20.35
N VAL B 418 -9.80 -20.19 21.39
CA VAL B 418 -10.91 -21.14 21.41
C VAL B 418 -11.90 -20.94 20.25
N ALA B 419 -12.11 -19.69 19.86
CA ALA B 419 -13.10 -19.36 18.85
C ALA B 419 -12.54 -19.34 17.43
N ASP B 420 -11.24 -19.53 17.28
CA ASP B 420 -10.66 -19.56 15.94
C ASP B 420 -9.45 -20.47 15.79
N PRO B 421 -9.69 -21.75 15.49
CA PRO B 421 -8.61 -22.72 15.26
C PRO B 421 -7.65 -22.30 14.15
N ASN B 422 -8.12 -21.47 13.22
CA ASN B 422 -7.26 -21.02 12.12
C ASN B 422 -6.13 -20.12 12.59
N LYS B 423 -6.25 -19.59 13.81
CA LYS B 423 -5.21 -18.71 14.37
C LYS B 423 -4.22 -19.45 15.28
N ARG B 424 -4.41 -20.75 15.45
CA ARG B 424 -3.47 -21.54 16.21
C ARG B 424 -2.07 -21.41 15.61
N SER B 425 -1.07 -21.21 16.46
CA SER B 425 0.31 -21.10 15.99
C SER B 425 1.15 -22.34 16.31
N LYS B 426 2.30 -22.45 15.66
CA LYS B 426 3.16 -23.64 15.79
C LYS B 426 3.96 -23.65 17.09
N LYS B 427 4.36 -24.83 17.54
CA LYS B 427 4.99 -24.97 18.86
C LYS B 427 6.47 -25.35 18.76
N GLY B 428 7.31 -24.65 19.52
CA GLY B 428 8.70 -25.01 19.67
C GLY B 428 9.61 -24.66 18.51
N ARG B 429 10.80 -25.24 18.52
CA ARG B 429 11.78 -24.97 17.49
C ARG B 429 11.36 -25.61 16.17
N LEU B 430 11.46 -24.86 15.09
CA LEU B 430 10.94 -25.30 13.80
C LEU B 430 12.02 -25.57 12.78
N SER B 431 11.71 -26.45 11.83
CA SER B 431 12.59 -26.68 10.69
C SER B 431 11.76 -27.14 9.50
N LEU B 432 12.32 -26.97 8.30
CA LEU B 432 11.61 -27.26 7.07
C LEU B 432 12.33 -28.41 6.37
N HIS B 433 11.57 -29.39 5.89
CA HIS B 433 12.17 -30.62 5.32
C HIS B 433 11.46 -31.06 4.07
N ARG B 434 12.15 -31.92 3.30
CA ARG B 434 11.51 -32.61 2.19
C ARG B 434 10.92 -33.90 2.71
N THR B 435 9.69 -34.19 2.26
CA THR B 435 9.04 -35.46 2.59
C THR B 435 9.53 -36.55 1.65
N PRO B 436 9.22 -37.82 1.95
CA PRO B 436 9.63 -38.87 1.02
C PRO B 436 9.04 -38.69 -0.38
N ALA B 437 7.90 -38.04 -0.50
CA ALA B 437 7.31 -37.82 -1.81
C ALA B 437 7.83 -36.56 -2.49
N GLY B 438 8.77 -35.88 -1.82
CA GLY B 438 9.38 -34.70 -2.40
C GLY B 438 8.66 -33.39 -2.15
N ASN B 439 7.77 -33.37 -1.15
CA ASN B 439 7.04 -32.17 -0.79
C ASN B 439 7.69 -31.50 0.40
N PHE B 440 7.15 -30.36 0.81
CA PHE B 440 7.62 -29.69 2.02
C PHE B 440 6.84 -30.11 3.26
N VAL B 441 7.54 -30.25 4.38
CA VAL B 441 6.88 -30.38 5.68
C VAL B 441 7.60 -29.53 6.72
N THR B 442 6.83 -28.91 7.61
CA THR B 442 7.42 -28.18 8.73
C THR B 442 7.34 -29.03 10.00
N LEU B 443 8.48 -29.27 10.64
CA LEU B 443 8.53 -30.05 11.87
C LEU B 443 8.57 -29.12 13.06
N GLU B 444 7.77 -29.42 14.07
CA GLU B 444 7.68 -28.58 15.27
C GLU B 444 8.36 -29.26 16.44
N GLU B 445 8.42 -28.54 17.56
CA GLU B 445 8.91 -29.12 18.83
C GLU B 445 10.33 -29.66 18.76
N GLY B 446 11.13 -29.08 17.88
CA GLY B 446 12.51 -29.51 17.70
C GLY B 446 12.69 -30.87 17.06
N LYS B 447 11.61 -31.45 16.54
CA LYS B 447 11.65 -32.80 15.98
C LYS B 447 12.60 -32.97 14.80
N GLY B 448 12.96 -31.87 14.14
CA GLY B 448 13.94 -31.92 13.07
C GLY B 448 15.26 -32.51 13.56
N ASP B 449 15.51 -32.36 14.87
CA ASP B 449 16.76 -32.87 15.46
C ASP B 449 16.78 -34.39 15.54
N LEU B 450 15.64 -35.03 15.33
CA LEU B 450 15.57 -36.49 15.35
C LEU B 450 16.18 -37.08 14.08
N GLU B 451 16.39 -36.24 13.09
CA GLU B 451 17.07 -36.63 11.85
C GLU B 451 16.33 -37.73 11.10
N GLU B 452 15.00 -37.72 11.19
CA GLU B 452 14.19 -38.71 10.49
C GLU B 452 13.72 -38.12 9.17
N TYR B 453 13.93 -36.82 9.00
CA TYR B 453 13.46 -36.12 7.82
C TYR B 453 14.58 -35.39 7.09
N GLY B 454 15.81 -35.84 7.29
CA GLY B 454 16.94 -35.23 6.60
C GLY B 454 17.22 -33.81 7.05
N GLN B 455 17.90 -33.05 6.20
CA GLN B 455 18.39 -31.73 6.56
C GLN B 455 17.32 -30.63 6.55
N ASP B 456 17.51 -29.65 7.44
CA ASP B 456 16.69 -28.44 7.48
C ASP B 456 16.95 -27.64 6.20
N LEU B 457 15.87 -27.27 5.52
CA LEU B 457 15.99 -26.56 4.25
C LEU B 457 16.12 -25.04 4.40
N LEU B 458 15.90 -24.52 5.62
CA LEU B 458 16.19 -23.12 5.91
C LEU B 458 17.70 -22.88 5.94
N HIS B 459 18.12 -21.70 5.52
CA HIS B 459 19.51 -21.28 5.61
C HIS B 459 19.63 -20.05 6.50
N THR B 460 20.73 -19.93 7.24
CA THR B 460 21.01 -18.68 7.95
C THR B 460 21.25 -17.56 6.94
N VAL B 461 20.44 -16.51 7.00
CA VAL B 461 20.54 -15.39 6.07
C VAL B 461 21.03 -14.11 6.74
N PHE B 462 20.92 -14.05 8.06
CA PHE B 462 21.36 -12.89 8.82
C PHE B 462 21.92 -13.36 10.15
N LYS B 463 23.07 -12.83 10.55
CA LYS B 463 23.61 -13.19 11.85
C LYS B 463 24.49 -12.06 12.37
N ASN B 464 24.12 -11.55 13.53
CA ASN B 464 24.92 -10.56 14.25
C ASN B 464 25.31 -9.33 13.41
N GLY B 465 24.34 -8.83 12.66
CA GLY B 465 24.54 -7.61 11.88
C GLY B 465 24.99 -7.82 10.45
N LYS B 466 25.20 -9.08 10.06
CA LYS B 466 25.68 -9.35 8.72
C LYS B 466 24.70 -10.19 7.92
N VAL B 467 24.55 -9.88 6.63
CA VAL B 467 23.80 -10.74 5.74
C VAL B 467 24.73 -11.88 5.32
N THR B 468 24.29 -13.10 5.56
CA THR B 468 25.16 -14.26 5.45
C THR B 468 24.85 -15.14 4.26
N LYS B 469 23.70 -14.92 3.64
CA LYS B 469 23.35 -15.64 2.41
C LYS B 469 22.36 -14.82 1.62
N SER B 470 22.53 -14.80 0.30
CA SER B 470 21.70 -13.96 -0.54
C SER B 470 21.55 -14.55 -1.93
N TYR B 471 20.67 -13.97 -2.72
CA TYR B 471 20.25 -14.54 -3.99
C TYR B 471 20.16 -13.47 -5.05
N SER B 472 20.61 -13.77 -6.25
CA SER B 472 20.44 -12.82 -7.35
C SER B 472 19.02 -12.87 -7.83
N PHE B 473 18.62 -11.84 -8.57
CA PHE B 473 17.26 -11.80 -9.07
C PHE B 473 17.08 -12.87 -10.13
N ASP B 474 18.17 -13.23 -10.82
CA ASP B 474 18.09 -14.28 -11.82
C ASP B 474 17.77 -15.61 -11.15
N GLU B 475 18.40 -15.89 -10.01
CA GLU B 475 18.11 -17.13 -9.28
C GLU B 475 16.69 -17.17 -8.73
N ILE B 476 16.22 -16.02 -8.23
CA ILE B 476 14.86 -15.90 -7.72
C ILE B 476 13.83 -16.20 -8.81
N ARG B 477 14.05 -15.65 -10.01
CA ARG B 477 13.19 -15.94 -11.13
C ARG B 477 13.18 -17.45 -11.46
N LYS B 478 14.36 -18.06 -11.46
CA LYS B 478 14.46 -19.49 -11.73
C LYS B 478 13.66 -20.29 -10.70
N ASN B 479 13.80 -19.92 -9.42
CA ASN B 479 13.09 -20.62 -8.35
C ASN B 479 11.57 -20.47 -8.50
N ALA B 480 11.13 -19.32 -9.02
CA ALA B 480 9.70 -19.03 -9.10
C ALA B 480 9.00 -19.47 -10.39
N GLN B 481 9.71 -20.16 -11.28
CA GLN B 481 9.12 -20.62 -12.54
C GLN B 481 7.89 -21.49 -12.35
N LEU B 482 6.98 -21.45 -13.33
CA LEU B 482 5.83 -22.34 -13.32
C LEU B 482 6.24 -23.75 -13.69
N ASN B 483 5.47 -24.73 -13.24
CA ASN B 483 5.67 -26.11 -13.66
C ASN B 483 5.64 -26.24 -15.18
N ILE B 484 4.65 -25.59 -15.80
CA ILE B 484 4.48 -25.65 -17.26
C ILE B 484 5.70 -25.09 -18.00
N GLU B 485 6.34 -24.08 -17.43
CA GLU B 485 7.59 -23.56 -17.98
C GLU B 485 8.71 -24.58 -17.82
N LEU B 486 8.69 -25.31 -16.71
CA LEU B 486 9.69 -26.34 -16.43
C LEU B 486 9.47 -27.57 -17.33
N GLU B 487 8.22 -27.85 -17.67
CA GLU B 487 7.88 -28.94 -18.58
C GLU B 487 8.20 -28.56 -20.03
C4 LWW C . -6.45 3.82 24.84
C5 LWW C . -6.47 3.71 26.22
C6 LWW C . -6.08 4.78 27.00
C10 LWW C . -5.36 1.70 23.56
C13 LWW C . -2.87 0.56 23.12
C15 LWW C . -4.51 2.22 22.62
C20 LWW C . -1.69 -2.75 20.36
C21 LWW C . -2.33 -3.88 19.97
C22 LWW C . -1.87 -4.16 18.65
C26 LWW C . -0.36 -3.17 17.03
C1 LWW C . -5.64 5.94 26.41
C2 LWW C . -5.60 6.06 25.03
C3 LWW C . -6.00 5.00 24.25
S7 LWW C . -6.93 2.48 23.80
O8 LWW C . -7.80 1.62 24.51
O9 LWW C . -7.28 3.08 22.56
C11 LWW C . -4.96 0.60 24.30
C12 LWW C . -3.72 0.06 24.09
C14 LWW C . -3.26 1.66 22.39
C16 LWW C . -1.50 -0.04 22.92
N17 LWW C . -1.35 -0.80 21.70
C18 LWW C . -1.85 -2.04 21.63
O19 LWW C . -2.44 -2.55 22.56
C23 LWW C . -2.14 -5.16 17.73
N24 LWW C . -1.56 -5.13 16.53
C25 LWW C . -0.70 -4.17 16.19
C27 LWW C . -0.95 -3.14 18.30
N28 LWW C . -0.87 -2.28 19.36
P PO4 D . -0.56 -9.34 18.88
O1 PO4 D . -0.58 -8.18 19.82
O2 PO4 D . -0.02 -10.59 19.55
O3 PO4 D . -1.95 -9.63 18.35
O4 PO4 D . 0.41 -9.13 17.72
P PO4 E . -7.21 7.15 -14.22
O1 PO4 E . -7.13 8.27 -13.21
O2 PO4 E . -7.89 5.95 -13.62
O3 PO4 E . -8.03 7.61 -15.42
O4 PO4 E . -5.82 6.79 -14.69
C1 EDO F . -9.72 7.11 -10.88
O1 EDO F . -9.90 6.95 -12.29
C2 EDO F . -9.65 5.74 -10.23
O2 EDO F . -10.95 5.10 -10.25
C1 EDO G . -6.92 13.35 -20.39
O1 EDO G . -5.83 13.91 -19.62
C2 EDO G . -8.11 14.30 -20.37
O2 EDO G . -7.84 15.37 -21.27
C1 EDO H . 13.30 7.54 -8.53
O1 EDO H . 14.49 7.44 -7.76
C2 EDO H . 12.42 6.32 -8.28
O2 EDO H . 12.05 5.72 -9.52
C1 EDO I . -5.52 -6.65 10.59
O1 EDO I . -6.86 -6.29 10.30
C2 EDO I . -4.84 -5.48 11.28
O2 EDO I . -3.53 -5.34 10.70
C1 EDO J . -12.35 -12.51 12.95
O1 EDO J . -10.93 -12.63 12.74
C2 EDO J . -13.01 -11.94 11.71
O2 EDO J . -12.22 -10.85 11.21
C1 EDO K . 3.83 28.86 -19.74
O1 EDO K . 2.71 28.04 -19.42
C2 EDO K . 3.68 29.34 -21.17
O2 EDO K . 2.35 29.83 -21.34
C1 EDO L . -13.74 24.02 4.72
O1 EDO L . -15.00 24.51 5.18
C2 EDO L . -12.98 23.37 5.87
O2 EDO L . -13.08 21.94 5.78
C1 EDO M . 14.21 28.84 -24.50
O1 EDO M . 15.17 29.86 -24.15
C2 EDO M . 13.92 28.89 -26.00
O2 EDO M . 13.08 30.04 -26.25
C1 EDO N . -20.47 0.70 7.24
O1 EDO N . -20.16 2.05 7.59
C2 EDO N . -21.86 0.58 6.66
O2 EDO N . -22.15 -0.80 6.43
C4 LWW O . 3.92 -4.98 -25.01
C5 LWW O . 4.06 -4.77 -26.38
C6 LWW O . 5.27 -5.04 -26.99
C10 LWW O . 2.64 -2.97 -23.71
C13 LWW O . 3.16 -0.37 -22.88
C15 LWW O . 3.42 -2.73 -22.60
C20 LWW O . 0.75 2.36 -20.22
C21 LWW O . -0.58 2.54 -20.04
C22 LWW O . -0.76 2.93 -18.69
C26 LWW O . 0.62 3.34 -16.75
C1 LWW O . 6.34 -5.49 -26.23
C2 LWW O . 6.20 -5.68 -24.87
C3 LWW O . 4.99 -5.42 -24.26
S7 LWW O . 2.39 -4.63 -24.20
O8 LWW O . 1.32 -4.70 -25.14
O9 LWW O . 2.40 -5.39 -23.00
C11 LWW O . 2.13 -1.89 -24.44
C12 LWW O . 2.39 -0.60 -24.01
C14 LWW O . 3.68 -1.44 -22.19
C16 LWW O . 3.47 1.04 -22.44
N17 LWW O . 2.71 1.51 -21.29
C18 LWW O . 1.43 1.93 -21.43
O19 LWW O . 0.86 1.88 -22.51
C23 LWW O . -1.87 3.25 -17.91
N24 LWW O . -1.73 3.55 -16.64
C25 LWW O . -0.53 3.61 -16.06
C27 LWW O . 0.52 2.97 -18.09
N28 LWW O . 1.43 2.63 -19.04
P PO4 P . -1.48 -11.30 13.48
O1 PO4 P . -1.74 -12.34 14.55
O2 PO4 P . -1.10 -9.98 14.12
O3 PO4 P . -2.73 -11.11 12.68
O4 PO4 P . -0.32 -11.77 12.60
P PO4 Q . -4.08 7.21 -19.17
O1 PO4 Q . -3.49 7.65 -17.83
O2 PO4 Q . -5.22 6.25 -18.92
O3 PO4 Q . -4.62 8.46 -19.81
O4 PO4 Q . -3.02 6.55 -19.97
C1 EDO R . -7.11 2.92 -14.66
O1 EDO R . -8.11 3.64 -13.93
C2 EDO R . -7.68 2.51 -16.01
O2 EDO R . -6.64 2.57 -17.00
C1 EDO S . -6.49 0.54 -11.49
O1 EDO S . -7.20 -0.59 -12.00
C2 EDO S . -5.19 0.71 -12.26
O2 EDO S . -4.32 1.54 -11.50
C1 EDO T . -14.73 -0.65 -15.90
O1 EDO T . -13.91 0.53 -15.79
C2 EDO T . -14.01 -1.83 -15.27
O2 EDO T . -13.47 -1.44 -13.99
C1 EDO U . 24.00 -6.09 -5.19
O1 EDO U . 24.23 -5.19 -6.30
C2 EDO U . 23.37 -7.37 -5.73
O2 EDO U . 24.22 -7.93 -6.74
C1 EDO V . -3.07 -12.07 8.92
O1 EDO V . -4.35 -12.63 8.56
C2 EDO V . -2.28 -13.08 9.76
O2 EDO V . -2.85 -13.16 11.09
C1 EDO W . 10.37 -13.75 -15.28
O1 EDO W . 10.21 -15.14 -15.00
C2 EDO W . 9.94 -13.47 -16.72
O2 EDO W . 10.68 -14.31 -17.62
C1 EDO X . 2.31 -15.46 20.14
O1 EDO X . 3.54 -14.94 19.64
C2 EDO X . 2.26 -16.97 19.97
O2 EDO X . 3.12 -17.53 20.94
C1 EDO Y . 20.66 -16.54 23.13
O1 EDO Y . 19.34 -17.01 22.78
C2 EDO Y . 20.98 -16.97 24.55
O2 EDO Y . 20.83 -18.39 24.63
C1 EDO Z . 12.31 5.44 10.92
O1 EDO Z . 13.25 6.19 11.68
C2 EDO Z . 11.35 4.71 11.87
O2 EDO Z . 10.12 5.42 11.98
C1 EDO AA . 2.36 -23.97 -32.28
O1 EDO AA . 3.22 -23.92 -31.14
C2 EDO AA . 1.35 -25.10 -32.12
O2 EDO AA . 2.00 -26.36 -32.27
#